data_3SIP
#
_entry.id   3SIP
#
_cell.length_a   91.350
_cell.length_b   148.115
_cell.length_c   156.738
_cell.angle_alpha   90.00
_cell.angle_beta   90.00
_cell.angle_gamma   90.00
#
_symmetry.space_group_name_H-M   'I 21 21 21'
#
loop_
_entity.id
_entity.type
_entity.pdbx_description
1 polymer Caspase
2 polymer 'Apoptosis 1 inhibitor'
3 polymer Caspase
4 non-polymer 'ZINC ION'
#
loop_
_entity_poly.entity_id
_entity_poly.type
_entity_poly.pdbx_seq_one_letter_code
_entity_poly.pdbx_strand_id
1 'polypeptide(L)'
;ALGSVTDRHAAEYNMRHKNRGMALIFNHEHFEVPTLKSRAGTNVDCENLTRVLKQLDFEVTVYKDCRYKDILRTIEYAAS
QNHSDSDCILVAILSHGEMGYIYAKDTQYKLDNIWSFFTANHCPSLAGKPKLFFIQACQGDRLDGGVTMQRSQTETD
;
A,C
2 'polypeptide(L)'
;NNINKTRMNDLNREETRLKTFTDWPLDWLDKRQLAQTGMYFTHAGDKVKCFFCGVEIGSWEQEDQPVPEHQRWSPNCPLL
RRRTTNNVPINAEALDRILPPISYDICGANDSTLE
;
E,F
3 'polypeptide(L)'
;GDSSMSYKIPVHADFLIAYSTVPGFYSWRNTTRGSWFMQSLCAELAANGKRLDILTLLTFVCQRVAVDFESCTPDTPEMH
QQKQIPCITTMLTRILRFSDKQLAPAGRV
;
B,D
#
loop_
_chem_comp.id
_chem_comp.type
_chem_comp.name
_chem_comp.formula
ZN non-polymer 'ZINC ION' 'Zn 2'
#
# COMPACT_ATOMS: atom_id res chain seq x y z
N ALA A 1 15.29 -19.66 19.14
CA ALA A 1 14.21 -19.58 20.12
C ALA A 1 12.96 -18.97 19.51
N LEU A 2 12.00 -18.63 20.36
CA LEU A 2 10.71 -18.13 19.91
C LEU A 2 10.06 -17.28 20.98
N GLY A 3 9.76 -16.03 20.65
CA GLY A 3 9.12 -15.10 21.58
C GLY A 3 7.63 -15.34 21.70
N SER A 4 7.10 -15.08 22.90
CA SER A 4 5.68 -15.32 23.15
C SER A 4 4.77 -14.43 22.30
N VAL A 5 3.46 -14.70 22.37
CA VAL A 5 2.46 -13.91 21.67
C VAL A 5 2.13 -12.63 22.43
N THR A 6 2.74 -11.53 22.03
CA THR A 6 2.58 -10.28 22.77
C THR A 6 1.21 -9.65 22.52
N ASP A 7 0.54 -10.07 21.46
CA ASP A 7 -0.80 -9.56 21.14
C ASP A 7 -0.83 -8.07 20.76
N ARG A 8 0.27 -7.37 21.04
CA ARG A 8 0.56 -6.11 20.39
C ARG A 8 1.01 -6.46 18.98
N HIS A 9 1.41 -7.71 18.81
CA HIS A 9 1.71 -8.29 17.52
C HIS A 9 0.46 -8.89 16.91
N ALA A 10 -0.69 -8.27 17.20
CA ALA A 10 -1.95 -8.71 16.62
C ALA A 10 -1.88 -8.64 15.10
N ALA A 11 -2.12 -9.76 14.45
CA ALA A 11 -1.97 -9.83 13.00
C ALA A 11 -2.93 -8.91 12.26
N GLU A 12 -4.08 -8.61 12.87
CA GLU A 12 -5.09 -7.78 12.23
C GLU A 12 -5.62 -6.70 13.14
N TYR A 13 -6.09 -5.61 12.54
CA TYR A 13 -6.82 -4.59 13.26
C TYR A 13 -8.08 -5.21 13.83
N ASN A 14 -8.40 -4.88 15.07
CA ASN A 14 -9.68 -5.28 15.67
C ASN A 14 -10.83 -4.45 15.12
N MET A 15 -11.73 -5.11 14.40
CA MET A 15 -12.78 -4.42 13.68
C MET A 15 -14.15 -4.92 14.12
N ARG A 16 -14.22 -5.39 15.35
CA ARG A 16 -15.46 -5.92 15.90
C ARG A 16 -16.06 -4.98 16.93
N HIS A 17 -15.59 -3.74 16.98
CA HIS A 17 -16.07 -2.75 17.94
C HIS A 17 -17.58 -2.58 17.92
N LYS A 18 -18.10 -1.95 18.96
CA LYS A 18 -19.53 -1.68 19.10
C LYS A 18 -20.12 -1.18 17.79
N ASN A 19 -19.33 -0.43 17.03
CA ASN A 19 -19.73 -0.01 15.69
C ASN A 19 -18.56 0.39 14.78
N ARG A 20 -18.79 0.34 13.47
CA ARG A 20 -17.74 0.59 12.50
C ARG A 20 -16.95 1.87 12.77
N GLY A 21 -17.65 2.99 12.76
CA GLY A 21 -17.03 4.28 12.92
C GLY A 21 -17.57 5.32 11.97
N MET A 22 -17.10 6.55 12.11
CA MET A 22 -17.60 7.67 11.32
C MET A 22 -17.01 7.69 9.92
N ALA A 23 -17.78 8.18 8.96
CA ALA A 23 -17.30 8.28 7.59
C ALA A 23 -17.80 9.58 6.97
N LEU A 24 -16.92 10.57 6.86
CA LEU A 24 -17.32 11.88 6.42
C LEU A 24 -16.91 12.11 4.98
N ILE A 25 -17.90 12.33 4.12
CA ILE A 25 -17.64 12.58 2.71
C ILE A 25 -17.73 14.07 2.42
N PHE A 26 -16.74 14.59 1.71
CA PHE A 26 -16.71 15.98 1.34
C PHE A 26 -16.91 16.19 -0.15
N ASN A 27 -18.15 16.49 -0.53
CA ASN A 27 -18.47 16.64 -1.94
C ASN A 27 -18.38 18.09 -2.39
N HIS A 28 -17.40 18.39 -3.23
CA HIS A 28 -17.32 19.72 -3.83
C HIS A 28 -17.77 19.64 -5.28
N GLU A 29 -18.58 20.61 -5.68
CA GLU A 29 -19.11 20.66 -7.03
C GLU A 29 -19.06 22.07 -7.59
N HIS A 30 -19.17 23.04 -6.70
CA HIS A 30 -19.14 24.45 -7.08
C HIS A 30 -18.11 25.20 -6.27
N PHE A 31 -17.50 26.21 -6.87
CA PHE A 31 -16.40 26.93 -6.25
C PHE A 31 -16.55 28.44 -6.41
N GLU A 32 -16.25 29.17 -5.34
CA GLU A 32 -16.18 30.62 -5.39
C GLU A 32 -14.94 31.04 -6.18
N VAL A 33 -13.91 30.21 -6.11
CA VAL A 33 -12.67 30.43 -6.84
C VAL A 33 -12.96 30.60 -8.34
N PRO A 34 -12.22 31.52 -8.99
CA PRO A 34 -12.36 31.80 -10.43
C PRO A 34 -11.81 30.67 -11.30
N THR A 35 -12.28 30.60 -12.54
CA THR A 35 -11.79 29.64 -13.52
C THR A 35 -12.04 28.18 -13.13
N LEU A 36 -12.36 27.95 -11.87
CA LEU A 36 -12.71 26.61 -11.42
C LEU A 36 -14.11 26.23 -11.89
N LYS A 37 -14.17 25.56 -13.03
CA LYS A 37 -15.44 25.08 -13.55
C LYS A 37 -16.00 23.97 -12.67
N SER A 38 -17.31 23.97 -12.48
CA SER A 38 -17.96 23.02 -11.58
C SER A 38 -17.68 21.57 -11.96
N ARG A 39 -17.81 20.66 -11.00
CA ARG A 39 -17.53 19.25 -11.22
C ARG A 39 -18.76 18.44 -11.66
N ALA A 40 -18.65 17.81 -12.83
CA ALA A 40 -19.78 17.09 -13.42
C ALA A 40 -20.02 15.69 -12.84
N GLY A 41 -21.20 15.49 -12.28
CA GLY A 41 -21.57 14.20 -11.72
C GLY A 41 -20.66 13.80 -10.58
N THR A 42 -20.08 14.79 -9.91
CA THR A 42 -19.29 14.50 -8.72
C THR A 42 -20.23 14.02 -7.64
N ASN A 43 -21.51 14.33 -7.81
CA ASN A 43 -22.55 13.83 -6.93
C ASN A 43 -22.69 12.32 -7.04
N VAL A 44 -22.84 11.83 -8.28
CA VAL A 44 -23.03 10.41 -8.53
C VAL A 44 -21.89 9.57 -7.96
N ASP A 45 -20.72 10.17 -7.78
CA ASP A 45 -19.65 9.53 -7.03
C ASP A 45 -20.13 9.40 -5.60
N CYS A 46 -20.62 10.53 -5.09
CA CYS A 46 -21.08 10.61 -3.72
C CYS A 46 -22.13 9.56 -3.39
N GLU A 47 -23.20 9.50 -4.18
CA GLU A 47 -24.25 8.52 -3.93
C GLU A 47 -23.62 7.16 -3.76
N ASN A 48 -22.89 6.71 -4.78
CA ASN A 48 -22.27 5.39 -4.76
C ASN A 48 -21.41 5.19 -3.51
N LEU A 49 -20.52 6.15 -3.25
CA LEU A 49 -19.64 6.03 -2.10
C LEU A 49 -20.48 5.84 -0.84
N THR A 50 -21.45 6.73 -0.65
CA THR A 50 -22.39 6.64 0.46
C THR A 50 -22.98 5.24 0.56
N ARG A 51 -23.63 4.82 -0.54
CA ARG A 51 -24.21 3.49 -0.65
C ARG A 51 -23.29 2.43 -0.09
N VAL A 52 -22.20 2.13 -0.81
CA VAL A 52 -21.29 1.06 -0.43
C VAL A 52 -20.81 1.21 1.02
N LEU A 53 -20.52 2.43 1.44
CA LEU A 53 -20.06 2.64 2.81
C LEU A 53 -21.10 2.22 3.85
N LYS A 54 -22.34 2.67 3.68
CA LYS A 54 -23.38 2.35 4.64
C LYS A 54 -23.62 0.84 4.67
N GLN A 55 -23.50 0.21 3.50
CA GLN A 55 -23.61 -1.23 3.41
C GLN A 55 -22.45 -1.89 4.16
N LEU A 56 -21.42 -1.08 4.44
CA LEU A 56 -20.26 -1.53 5.20
C LEU A 56 -20.37 -1.15 6.68
N ASP A 57 -21.59 -0.83 7.11
CA ASP A 57 -21.90 -0.67 8.54
C ASP A 57 -21.42 0.67 9.07
N PHE A 58 -20.91 1.51 8.18
CA PHE A 58 -20.39 2.82 8.56
C PHE A 58 -21.46 3.80 9.01
N GLU A 59 -21.04 4.78 9.80
CA GLU A 59 -21.84 5.94 10.12
C GLU A 59 -21.50 7.04 9.13
N VAL A 60 -22.24 7.09 8.04
CA VAL A 60 -21.91 8.01 6.95
C VAL A 60 -22.55 9.40 7.11
N THR A 61 -21.77 10.42 6.80
CA THR A 61 -22.23 11.81 6.88
C THR A 61 -21.51 12.62 5.80
N VAL A 62 -22.24 13.52 5.14
CA VAL A 62 -21.73 14.19 3.96
C VAL A 62 -21.79 15.70 4.05
N TYR A 63 -20.85 16.37 3.40
CA TYR A 63 -20.83 17.83 3.39
C TYR A 63 -20.61 18.38 1.98
N LYS A 64 -21.58 19.14 1.50
CA LYS A 64 -21.48 19.75 0.17
C LYS A 64 -20.49 20.91 0.19
N ASP A 65 -20.42 21.64 -0.91
CA ASP A 65 -19.42 22.68 -1.09
C ASP A 65 -19.11 23.44 0.19
N CYS A 66 -18.08 23.00 0.89
CA CYS A 66 -17.68 23.64 2.15
C CYS A 66 -16.56 24.65 1.97
N ARG A 67 -16.75 25.86 2.49
CA ARG A 67 -15.65 26.78 2.59
C ARG A 67 -14.62 26.10 3.48
N TYR A 68 -13.34 26.32 3.21
CA TYR A 68 -12.28 25.64 3.94
C TYR A 68 -12.49 25.70 5.46
N LYS A 69 -12.77 26.89 5.97
CA LYS A 69 -12.95 27.07 7.40
C LYS A 69 -13.97 26.10 7.99
N ASP A 70 -15.01 25.78 7.22
CA ASP A 70 -16.05 24.86 7.65
C ASP A 70 -15.48 23.46 7.78
N ILE A 71 -14.75 23.03 6.76
CA ILE A 71 -14.13 21.71 6.78
C ILE A 71 -13.46 21.53 8.12
N LEU A 72 -12.60 22.46 8.48
CA LEU A 72 -11.84 22.36 9.73
C LEU A 72 -12.73 22.32 10.97
N ARG A 73 -13.80 23.10 11.00
CA ARG A 73 -14.77 22.98 12.08
C ARG A 73 -15.17 21.53 12.14
N THR A 74 -15.72 21.04 11.03
CA THR A 74 -16.20 19.68 10.91
C THR A 74 -15.20 18.61 11.38
N ILE A 75 -13.96 18.69 10.91
CA ILE A 75 -12.95 17.72 11.31
C ILE A 75 -12.65 17.85 12.79
N GLU A 76 -12.28 19.06 13.21
CA GLU A 76 -11.90 19.30 14.59
C GLU A 76 -12.94 18.68 15.50
N TYR A 77 -14.21 18.89 15.18
CA TYR A 77 -15.29 18.28 15.92
C TYR A 77 -15.15 16.76 15.89
N ALA A 78 -15.32 16.17 14.71
CA ALA A 78 -15.21 14.72 14.55
C ALA A 78 -14.06 14.17 15.35
N ALA A 79 -12.88 14.77 15.18
CA ALA A 79 -11.67 14.32 15.85
C ALA A 79 -11.83 14.26 17.36
N SER A 80 -12.38 15.33 17.94
CA SER A 80 -12.64 15.35 19.38
C SER A 80 -13.92 14.59 19.69
N GLN A 81 -13.79 13.28 19.88
CA GLN A 81 -14.95 12.41 20.07
C GLN A 81 -14.46 11.09 20.63
N ASN A 82 -15.34 10.33 21.27
CA ASN A 82 -14.93 9.05 21.82
C ASN A 82 -15.04 7.89 20.84
N HIS A 83 -13.95 7.66 20.11
CA HIS A 83 -13.92 6.59 19.11
C HIS A 83 -13.60 5.25 19.74
N SER A 84 -13.32 5.25 21.04
CA SER A 84 -13.01 4.03 21.76
C SER A 84 -14.04 2.93 21.49
N ASP A 85 -15.23 3.33 21.05
CA ASP A 85 -16.30 2.37 20.77
C ASP A 85 -16.49 2.07 19.29
N SER A 86 -15.52 2.45 18.47
CA SER A 86 -15.65 2.23 17.04
C SER A 86 -14.34 1.73 16.46
N ASP A 87 -14.45 0.97 15.36
CA ASP A 87 -13.31 0.30 14.73
C ASP A 87 -12.29 1.26 14.17
N CYS A 88 -12.76 2.40 13.67
CA CYS A 88 -11.89 3.34 12.97
C CYS A 88 -12.63 4.60 12.50
N ILE A 89 -12.04 5.28 11.51
CA ILE A 89 -12.65 6.46 10.92
C ILE A 89 -12.18 6.65 9.49
N LEU A 90 -13.08 7.14 8.65
CA LEU A 90 -12.77 7.36 7.24
C LEU A 90 -13.30 8.70 6.76
N VAL A 91 -12.46 9.39 6.00
CA VAL A 91 -12.87 10.61 5.35
C VAL A 91 -12.56 10.52 3.85
N ALA A 92 -13.41 11.12 3.04
CA ALA A 92 -13.24 11.09 1.61
C ALA A 92 -13.44 12.50 1.08
N ILE A 93 -12.79 12.82 -0.04
CA ILE A 93 -12.86 14.16 -0.59
C ILE A 93 -12.98 14.16 -2.11
N LEU A 94 -13.89 14.99 -2.60
CA LEU A 94 -14.14 15.03 -4.02
C LEU A 94 -14.08 16.48 -4.48
N SER A 95 -13.15 16.77 -5.38
CA SER A 95 -13.05 18.11 -5.97
C SER A 95 -11.86 18.20 -6.90
N HIS A 96 -11.56 19.40 -7.35
CA HIS A 96 -10.36 19.62 -8.14
C HIS A 96 -9.18 19.66 -7.20
N GLY A 97 -7.98 19.70 -7.77
CA GLY A 97 -6.77 19.84 -6.98
C GLY A 97 -5.57 19.95 -7.89
N GLU A 98 -4.52 20.59 -7.39
CA GLU A 98 -3.26 20.66 -8.11
C GLU A 98 -2.19 19.95 -7.30
N MET A 99 -0.98 19.91 -7.83
CA MET A 99 0.11 19.19 -7.16
C MET A 99 0.37 19.75 -5.76
N GLY A 100 0.06 18.95 -4.74
CA GLY A 100 0.33 19.32 -3.35
C GLY A 100 -0.80 20.02 -2.61
N TYR A 101 -1.93 20.18 -3.27
CA TYR A 101 -3.06 20.89 -2.67
C TYR A 101 -4.41 20.30 -3.09
N ILE A 102 -5.45 20.68 -2.34
CA ILE A 102 -6.82 20.28 -2.62
C ILE A 102 -7.69 21.52 -2.47
N TYR A 103 -8.73 21.63 -3.30
CA TYR A 103 -9.60 22.80 -3.21
C TYR A 103 -10.80 22.64 -2.30
N ALA A 104 -11.06 23.67 -1.50
CA ALA A 104 -12.32 23.81 -0.81
C ALA A 104 -13.20 24.70 -1.68
N LYS A 105 -14.39 25.03 -1.19
CA LYS A 105 -15.31 25.89 -1.93
C LYS A 105 -14.63 27.21 -2.29
N ASP A 106 -13.80 27.71 -1.37
CA ASP A 106 -13.22 29.05 -1.50
C ASP A 106 -11.71 29.09 -1.74
N THR A 107 -11.00 28.03 -1.36
CA THR A 107 -9.54 28.06 -1.46
C THR A 107 -8.91 26.68 -1.52
N GLN A 108 -7.69 26.62 -2.06
CA GLN A 108 -6.92 25.39 -2.00
C GLN A 108 -6.28 25.26 -0.62
N TYR A 109 -5.80 24.06 -0.30
CA TYR A 109 -5.15 23.79 0.97
C TYR A 109 -4.45 22.43 0.92
N LYS A 110 -3.26 22.36 1.49
CA LYS A 110 -2.59 21.08 1.61
C LYS A 110 -3.26 20.29 2.71
N LEU A 111 -3.51 19.02 2.43
CA LEU A 111 -4.29 18.16 3.31
C LEU A 111 -3.53 17.82 4.60
N ASP A 112 -2.24 18.13 4.62
CA ASP A 112 -1.39 17.83 5.76
C ASP A 112 -2.02 18.33 7.05
N ASN A 113 -2.91 19.31 6.92
CA ASN A 113 -3.61 19.88 8.06
C ASN A 113 -4.61 18.91 8.68
N ILE A 114 -5.63 18.56 7.91
CA ILE A 114 -6.63 17.61 8.36
C ILE A 114 -5.99 16.31 8.86
N TRP A 115 -5.05 15.80 8.07
CA TRP A 115 -4.21 14.68 8.45
C TRP A 115 -3.86 14.74 9.94
N SER A 116 -3.34 15.89 10.38
CA SER A 116 -2.76 16.00 11.73
C SER A 116 -3.76 16.09 12.89
N PHE A 117 -5.06 16.16 12.60
CA PHE A 117 -6.08 16.15 13.65
C PHE A 117 -6.24 14.78 14.30
N PHE A 118 -5.68 13.75 13.66
CA PHE A 118 -5.98 12.38 14.06
C PHE A 118 -4.79 11.60 14.57
N THR A 119 -3.60 12.21 14.56
CA THR A 119 -2.45 11.51 15.09
C THR A 119 -2.73 11.09 16.52
N ALA A 120 -2.10 9.99 16.97
CA ALA A 120 -2.45 9.39 18.26
C ALA A 120 -2.40 10.38 19.41
N ASN A 121 -1.41 11.25 19.38
CA ASN A 121 -1.23 12.26 20.41
C ASN A 121 -2.35 13.30 20.44
N HIS A 122 -2.98 13.53 19.29
CA HIS A 122 -4.09 14.49 19.20
C HIS A 122 -5.45 13.82 19.22
N CYS A 123 -5.50 12.50 19.30
CA CYS A 123 -6.76 11.77 19.17
C CYS A 123 -6.63 10.28 19.51
N PRO A 124 -6.46 9.98 20.80
CA PRO A 124 -6.14 8.65 21.34
C PRO A 124 -7.27 7.63 21.27
N SER A 125 -8.51 8.08 21.12
CA SER A 125 -9.63 7.15 20.96
C SER A 125 -9.39 6.29 19.72
N LEU A 126 -8.57 6.82 18.81
CA LEU A 126 -8.21 6.15 17.57
C LEU A 126 -6.77 5.68 17.57
N ALA A 127 -6.09 5.86 18.69
CA ALA A 127 -4.69 5.44 18.78
C ALA A 127 -4.58 3.93 18.64
N GLY A 128 -4.01 3.48 17.52
CA GLY A 128 -3.92 2.06 17.22
C GLY A 128 -5.00 1.59 16.27
N LYS A 129 -5.96 2.47 16.00
CA LYS A 129 -7.00 2.18 15.02
C LYS A 129 -6.64 2.85 13.71
N PRO A 130 -7.17 2.33 12.61
CA PRO A 130 -6.80 2.82 11.28
C PRO A 130 -7.62 4.04 10.85
N LYS A 131 -6.93 5.05 10.32
CA LYS A 131 -7.61 6.21 9.75
C LYS A 131 -7.43 6.22 8.24
N LEU A 132 -8.55 6.25 7.51
CA LEU A 132 -8.54 6.12 6.06
C LEU A 132 -8.98 7.40 5.36
N PHE A 133 -8.12 7.92 4.48
CA PHE A 133 -8.48 9.09 3.69
C PHE A 133 -8.43 8.77 2.20
N PHE A 134 -9.56 8.92 1.53
CA PHE A 134 -9.58 8.70 0.09
C PHE A 134 -9.78 10.03 -0.60
N ILE A 135 -9.10 10.24 -1.71
CA ILE A 135 -9.24 11.50 -2.41
C ILE A 135 -9.51 11.31 -3.90
N GLN A 136 -10.41 12.12 -4.44
CA GLN A 136 -10.60 12.19 -5.87
C GLN A 136 -10.27 13.60 -6.30
N ALA A 137 -8.98 13.92 -6.29
CA ALA A 137 -8.52 15.24 -6.68
C ALA A 137 -7.76 15.16 -7.99
N CYS A 138 -8.12 16.03 -8.93
CA CYS A 138 -7.47 16.12 -10.23
C CYS A 138 -5.99 16.43 -10.02
N GLN A 139 -5.57 16.31 -8.76
CA GLN A 139 -4.21 16.65 -8.29
C GLN A 139 -3.12 16.19 -9.24
N GLY A 140 -2.30 17.14 -9.70
CA GLY A 140 -1.32 16.88 -10.73
C GLY A 140 -1.62 17.70 -11.98
N ASP A 141 -0.96 17.38 -13.09
CA ASP A 141 -0.98 18.23 -14.27
C ASP A 141 -0.51 17.52 -15.56
N ARG A 142 0.33 16.51 -15.39
CA ARG A 142 0.86 15.76 -16.52
C ARG A 142 -0.12 14.67 -16.94
N LEU A 143 -0.04 14.21 -18.19
CA LEU A 143 -0.85 13.09 -18.67
C LEU A 143 -0.04 11.80 -18.78
N ASP A 144 -0.74 10.67 -18.84
CA ASP A 144 -0.11 9.35 -18.96
C ASP A 144 -0.54 8.69 -20.26
N GLY A 145 0.41 8.47 -21.17
CA GLY A 145 0.09 7.93 -22.48
C GLY A 145 -0.18 6.45 -22.47
N GLY A 146 0.41 5.75 -21.51
CA GLY A 146 0.14 4.34 -21.34
C GLY A 146 0.93 3.54 -22.32
N VAL A 147 0.67 2.23 -22.33
CA VAL A 147 1.35 1.28 -23.19
C VAL A 147 0.39 0.15 -23.58
N THR A 148 0.39 -0.18 -24.86
CA THR A 148 -0.50 -1.23 -25.37
C THR A 148 0.01 -2.63 -24.99
N MET A 149 -0.91 -3.56 -24.76
CA MET A 149 -0.52 -4.88 -24.28
C MET A 149 -0.94 -6.01 -25.21
N ALA B 1 -25.48 -9.45 -15.08
CA ALA B 1 -24.63 -10.26 -15.94
C ALA B 1 -23.22 -10.45 -15.38
N LEU B 2 -22.34 -11.01 -16.19
CA LEU B 2 -21.00 -11.36 -15.75
C LEU B 2 -20.05 -11.42 -16.95
N GLY B 3 -18.99 -10.60 -16.89
CA GLY B 3 -18.01 -10.55 -17.95
C GLY B 3 -17.04 -11.72 -17.89
N SER B 4 -16.54 -12.13 -19.05
CA SER B 4 -15.64 -13.27 -19.12
C SER B 4 -14.30 -12.99 -18.43
N VAL B 5 -13.47 -14.04 -18.32
CA VAL B 5 -12.14 -13.92 -17.74
C VAL B 5 -11.14 -13.37 -18.75
N THR B 6 -10.86 -12.07 -18.67
CA THR B 6 -10.02 -11.41 -19.65
C THR B 6 -8.54 -11.75 -19.46
N ASP B 7 -8.20 -12.24 -18.26
CA ASP B 7 -6.83 -12.66 -17.96
C ASP B 7 -5.83 -11.48 -17.91
N ARG B 8 -6.27 -10.34 -18.44
CA ARG B 8 -5.62 -9.07 -18.16
C ARG B 8 -6.06 -8.72 -16.75
N HIS B 9 -7.15 -9.35 -16.34
CA HIS B 9 -7.64 -9.26 -14.97
C HIS B 9 -7.00 -10.37 -14.15
N ALA B 10 -5.76 -10.71 -14.46
CA ALA B 10 -5.03 -11.70 -13.69
C ALA B 10 -4.89 -11.24 -12.24
N ALA B 11 -5.37 -12.05 -11.31
CA ALA B 11 -5.42 -11.68 -9.91
C ALA B 11 -4.04 -11.42 -9.33
N GLU B 12 -3.02 -12.07 -9.89
CA GLU B 12 -1.66 -11.96 -9.37
C GLU B 12 -0.65 -11.69 -10.47
N TYR B 13 0.46 -11.06 -10.10
CA TYR B 13 1.61 -10.95 -10.98
C TYR B 13 2.16 -12.35 -11.27
N ASN B 14 2.50 -12.60 -12.53
CA ASN B 14 3.16 -13.84 -12.89
C ASN B 14 4.62 -13.82 -12.44
N MET B 15 4.96 -14.73 -11.54
CA MET B 15 6.26 -14.72 -10.89
C MET B 15 6.96 -16.05 -11.08
N ARG B 16 6.61 -16.73 -12.17
CA ARG B 16 7.17 -18.04 -12.45
C ARG B 16 8.15 -17.98 -13.62
N HIS B 17 8.58 -16.78 -13.98
CA HIS B 17 9.49 -16.58 -15.11
C HIS B 17 10.76 -17.40 -15.00
N LYS B 18 11.48 -17.52 -16.12
CA LYS B 18 12.72 -18.27 -16.18
C LYS B 18 13.61 -17.96 -14.98
N ASN B 19 13.53 -16.73 -14.48
CA ASN B 19 14.22 -16.36 -13.25
C ASN B 19 13.67 -15.10 -12.59
N ARG B 20 13.92 -14.98 -11.29
CA ARG B 20 13.36 -13.90 -10.50
C ARG B 20 13.55 -12.53 -11.13
N GLY B 21 14.80 -12.14 -11.30
CA GLY B 21 15.10 -10.82 -11.82
C GLY B 21 16.27 -10.16 -11.10
N MET B 22 16.66 -8.99 -11.58
CA MET B 22 17.83 -8.31 -11.04
C MET B 22 17.51 -7.59 -9.74
N ALA B 23 18.51 -7.49 -8.86
CA ALA B 23 18.31 -6.79 -7.58
C ALA B 23 19.56 -6.01 -7.24
N LEU B 24 19.52 -4.71 -7.45
CA LEU B 24 20.71 -3.88 -7.30
C LEU B 24 20.69 -3.11 -6.00
N ILE B 25 21.66 -3.37 -5.14
CA ILE B 25 21.73 -2.70 -3.86
C ILE B 25 22.77 -1.58 -3.90
N PHE B 26 22.38 -0.40 -3.42
CA PHE B 26 23.29 0.73 -3.41
C PHE B 26 23.69 1.11 -2.00
N ASN B 27 24.86 0.66 -1.59
CA ASN B 27 25.32 0.88 -0.23
C ASN B 27 26.21 2.11 -0.16
N HIS B 28 25.72 3.15 0.49
CA HIS B 28 26.55 4.31 0.77
C HIS B 28 26.98 4.33 2.24
N GLU B 29 28.25 4.61 2.47
CA GLU B 29 28.80 4.63 3.82
C GLU B 29 29.70 5.84 4.00
N HIS B 30 30.34 6.26 2.92
CA HIS B 30 31.23 7.40 2.96
C HIS B 30 30.83 8.42 1.90
N PHE B 31 31.07 9.69 2.20
CA PHE B 31 30.63 10.77 1.33
C PHE B 31 31.72 11.82 1.13
N GLU B 32 31.86 12.30 -0.10
CA GLU B 32 32.74 13.43 -0.39
C GLU B 32 32.12 14.70 0.16
N VAL B 33 30.80 14.74 0.18
CA VAL B 33 30.06 15.86 0.74
C VAL B 33 30.51 16.16 2.18
N PRO B 34 30.61 17.45 2.52
CA PRO B 34 31.00 17.90 3.87
C PRO B 34 29.94 17.63 4.93
N THR B 35 30.35 17.59 6.18
CA THR B 35 29.43 17.42 7.32
C THR B 35 28.67 16.10 7.30
N LEU B 36 28.66 15.42 6.16
CA LEU B 36 28.05 14.11 6.07
C LEU B 36 28.92 13.05 6.73
N LYS B 37 28.63 12.78 8.01
CA LYS B 37 29.35 11.75 8.74
C LYS B 37 28.98 10.37 8.21
N SER B 38 29.98 9.49 8.12
CA SER B 38 29.80 8.17 7.53
C SER B 38 28.70 7.37 8.24
N ARG B 39 28.14 6.40 7.53
CA ARG B 39 27.05 5.58 8.07
C ARG B 39 27.52 4.31 8.77
N ALA B 40 27.15 4.19 10.04
CA ALA B 40 27.62 3.08 10.87
C ALA B 40 26.85 1.78 10.66
N GLY B 41 27.58 0.75 10.26
CA GLY B 41 26.99 -0.57 10.06
C GLY B 41 25.95 -0.56 8.97
N THR B 42 26.06 0.39 8.05
CA THR B 42 25.17 0.40 6.90
C THR B 42 25.49 -0.82 6.06
N ASN B 43 26.69 -1.37 6.26
CA ASN B 43 27.09 -2.60 5.61
C ASN B 43 26.25 -3.78 6.09
N VAL B 44 26.17 -3.93 7.41
CA VAL B 44 25.44 -5.05 8.00
C VAL B 44 23.97 -5.08 7.54
N ASP B 45 23.44 -3.93 7.14
CA ASP B 45 22.14 -3.90 6.47
C ASP B 45 22.33 -4.65 5.17
N CYS B 46 23.38 -4.26 4.46
CA CYS B 46 23.65 -4.79 3.14
C CYS B 46 23.74 -6.32 3.16
N GLU B 47 24.59 -6.86 4.03
CA GLU B 47 24.77 -8.30 4.11
C GLU B 47 23.41 -8.96 4.22
N ASN B 48 22.64 -8.56 5.23
CA ASN B 48 21.33 -9.14 5.47
C ASN B 48 20.43 -9.05 4.24
N LEU B 49 20.33 -7.84 3.69
CA LEU B 49 19.51 -7.64 2.51
C LEU B 49 19.93 -8.61 1.40
N THR B 50 21.21 -8.60 1.09
CA THR B 50 21.79 -9.54 0.13
C THR B 50 21.34 -10.96 0.44
N ARG B 51 21.69 -11.43 1.64
CA ARG B 51 21.29 -12.75 2.13
C ARG B 51 19.85 -13.09 1.75
N VAL B 52 18.90 -12.46 2.42
CA VAL B 52 17.48 -12.74 2.21
C VAL B 52 17.08 -12.68 0.73
N LEU B 53 17.60 -11.71 0.00
CA LEU B 53 17.26 -11.57 -1.41
C LEU B 53 17.69 -12.78 -2.23
N LYS B 54 18.94 -13.21 -2.04
CA LYS B 54 19.45 -14.33 -2.81
C LYS B 54 18.69 -15.59 -2.46
N GLN B 55 18.31 -15.70 -1.19
CA GLN B 55 17.47 -16.81 -0.74
C GLN B 55 16.09 -16.72 -1.42
N LEU B 56 15.79 -15.55 -1.97
CA LEU B 56 14.56 -15.33 -2.71
C LEU B 56 14.75 -15.48 -4.21
N ASP B 57 15.86 -16.11 -4.59
CA ASP B 57 16.08 -16.52 -5.99
C ASP B 57 16.52 -15.35 -6.86
N PHE B 58 16.74 -14.20 -6.24
CA PHE B 58 17.13 -13.00 -6.96
C PHE B 58 18.54 -13.05 -7.53
N GLU B 59 18.75 -12.25 -8.58
CA GLU B 59 20.09 -11.99 -9.09
C GLU B 59 20.63 -10.72 -8.42
N VAL B 60 21.31 -10.90 -7.30
CA VAL B 60 21.73 -9.76 -6.50
C VAL B 60 23.09 -9.19 -6.91
N THR B 61 23.18 -7.87 -6.94
CA THR B 61 24.40 -7.16 -7.31
C THR B 61 24.45 -5.87 -6.51
N VAL B 62 25.64 -5.51 -6.01
CA VAL B 62 25.79 -4.41 -5.07
C VAL B 62 26.79 -3.35 -5.52
N TYR B 63 26.55 -2.10 -5.12
CA TYR B 63 27.45 -1.01 -5.47
C TYR B 63 27.74 -0.13 -4.26
N LYS B 64 29.01 -0.05 -3.89
CA LYS B 64 29.44 0.76 -2.76
C LYS B 64 29.41 2.23 -3.13
N ASP B 65 29.92 3.08 -2.24
CA ASP B 65 29.83 4.52 -2.40
C ASP B 65 29.97 4.97 -3.85
N CYS B 66 28.83 5.15 -4.51
CA CYS B 66 28.82 5.55 -5.92
C CYS B 66 28.62 7.05 -6.08
N ARG B 67 29.48 7.68 -6.86
CA ARG B 67 29.22 9.04 -7.28
C ARG B 67 27.92 9.00 -8.07
N TYR B 68 27.13 10.05 -7.98
CA TYR B 68 25.82 10.03 -8.61
C TYR B 68 25.89 9.57 -10.06
N LYS B 69 26.83 10.13 -10.81
CA LYS B 69 26.94 9.82 -12.23
C LYS B 69 27.06 8.31 -12.47
N ASP B 70 27.73 7.62 -11.56
CA ASP B 70 27.89 6.18 -11.67
C ASP B 70 26.54 5.49 -11.51
N ILE B 71 25.80 5.87 -10.49
CA ILE B 71 24.49 5.29 -10.25
C ILE B 71 23.74 5.25 -11.58
N LEU B 72 23.64 6.40 -12.23
CA LEU B 72 22.90 6.52 -13.47
C LEU B 72 23.44 5.61 -14.56
N ARG B 73 24.77 5.53 -14.69
CA ARG B 73 25.34 4.57 -15.63
C ARG B 73 24.71 3.22 -15.32
N THR B 74 24.90 2.79 -14.07
CA THR B 74 24.42 1.50 -13.60
C THR B 74 22.95 1.23 -13.89
N ILE B 75 22.09 2.18 -13.54
CA ILE B 75 20.65 2.03 -13.80
C ILE B 75 20.37 1.95 -15.29
N GLU B 76 20.81 2.98 -16.02
CA GLU B 76 20.58 3.07 -17.45
C GLU B 76 20.89 1.74 -18.10
N TYR B 77 22.03 1.17 -17.71
CA TYR B 77 22.41 -0.15 -18.18
C TYR B 77 21.34 -1.17 -17.82
N ALA B 78 21.20 -1.41 -16.52
CA ALA B 78 20.22 -2.39 -16.03
C ALA B 78 18.91 -2.25 -16.78
N ALA B 79 18.41 -1.02 -16.85
CA ALA B 79 17.13 -0.74 -17.50
C ALA B 79 17.10 -1.25 -18.94
N SER B 80 18.14 -0.96 -19.71
CA SER B 80 18.23 -1.44 -21.08
C SER B 80 18.71 -2.90 -21.10
N GLN B 81 17.77 -3.82 -20.98
CA GLN B 81 18.09 -5.23 -20.86
C GLN B 81 16.83 -6.02 -21.12
N ASN B 82 16.98 -7.29 -21.47
CA ASN B 82 15.79 -8.08 -21.76
C ASN B 82 15.21 -8.78 -20.54
N HIS B 83 14.29 -8.09 -19.86
CA HIS B 83 13.69 -8.62 -18.65
C HIS B 83 12.52 -9.57 -18.96
N SER B 84 12.20 -9.70 -20.24
CA SER B 84 11.12 -10.56 -20.68
C SER B 84 11.23 -11.96 -20.05
N ASP B 85 12.43 -12.32 -19.63
CA ASP B 85 12.67 -13.63 -19.05
C ASP B 85 12.75 -13.62 -17.53
N SER B 86 12.32 -12.53 -16.90
CA SER B 86 12.40 -12.42 -15.46
C SER B 86 11.13 -11.81 -14.89
N ASP B 87 10.82 -12.19 -13.65
CA ASP B 87 9.57 -11.83 -12.99
C ASP B 87 9.44 -10.34 -12.77
N CYS B 88 10.57 -9.67 -12.54
CA CYS B 88 10.57 -8.27 -12.11
C CYS B 88 11.98 -7.71 -11.88
N ILE B 89 12.04 -6.60 -11.15
CA ILE B 89 13.31 -5.98 -10.80
C ILE B 89 13.21 -5.20 -9.50
N LEU B 90 14.30 -5.23 -8.72
CA LEU B 90 14.30 -4.53 -7.45
C LEU B 90 15.59 -3.75 -7.24
N VAL B 91 15.44 -2.53 -6.75
CA VAL B 91 16.59 -1.73 -6.38
C VAL B 91 16.40 -1.26 -4.94
N ALA B 92 17.51 -1.16 -4.21
CA ALA B 92 17.49 -0.74 -2.82
C ALA B 92 18.59 0.29 -2.62
N ILE B 93 18.40 1.19 -1.66
CA ILE B 93 19.33 2.30 -1.44
C ILE B 93 19.56 2.58 0.04
N LEU B 94 20.82 2.74 0.40
CA LEU B 94 21.17 2.93 1.78
C LEU B 94 22.09 4.14 1.88
N SER B 95 21.62 5.16 2.58
CA SER B 95 22.44 6.33 2.83
C SER B 95 21.66 7.38 3.60
N HIS B 96 22.24 8.57 3.73
CA HIS B 96 21.53 9.69 4.33
C HIS B 96 20.57 10.25 3.30
N GLY B 97 19.73 11.17 3.74
CA GLY B 97 18.83 11.85 2.84
C GLY B 97 18.05 12.90 3.59
N GLU B 98 17.60 13.91 2.87
CA GLU B 98 16.73 14.94 3.43
C GLU B 98 15.39 14.90 2.73
N MET B 99 14.48 15.78 3.12
CA MET B 99 13.14 15.78 2.57
C MET B 99 13.16 16.03 1.06
N GLY B 100 12.80 15.00 0.29
CA GLY B 100 12.71 15.11 -1.16
C GLY B 100 13.95 14.73 -1.94
N TYR B 101 14.99 14.26 -1.25
CA TYR B 101 16.26 13.94 -1.89
C TYR B 101 16.95 12.76 -1.25
N ILE B 102 17.92 12.20 -1.97
CA ILE B 102 18.75 11.11 -1.48
C ILE B 102 20.21 11.43 -1.83
N TYR B 103 21.14 11.04 -0.98
CA TYR B 103 22.53 11.34 -1.24
C TYR B 103 23.29 10.24 -2.00
N ALA B 104 24.07 10.65 -2.98
CA ALA B 104 25.08 9.79 -3.58
C ALA B 104 26.39 10.09 -2.87
N LYS B 105 27.47 9.46 -3.32
CA LYS B 105 28.77 9.69 -2.72
C LYS B 105 29.12 11.17 -2.74
N ASP B 106 28.71 11.85 -3.80
CA ASP B 106 29.14 13.22 -4.05
C ASP B 106 28.04 14.27 -3.97
N THR B 107 26.78 13.86 -4.12
CA THR B 107 25.69 14.83 -4.16
C THR B 107 24.34 14.22 -3.83
N GLN B 108 23.41 15.09 -3.42
CA GLN B 108 22.02 14.66 -3.26
C GLN B 108 21.33 14.65 -4.62
N TYR B 109 20.19 13.98 -4.70
CA TYR B 109 19.39 13.90 -5.92
C TYR B 109 18.02 13.35 -5.62
N LYS B 110 16.99 13.91 -6.26
CA LYS B 110 15.65 13.37 -6.13
C LYS B 110 15.56 12.09 -6.96
N LEU B 111 14.98 11.06 -6.36
CA LEU B 111 14.97 9.74 -6.95
C LEU B 111 14.07 9.67 -8.17
N ASP B 112 13.28 10.72 -8.37
CA ASP B 112 12.33 10.76 -9.48
C ASP B 112 13.04 10.42 -10.79
N ASN B 113 14.35 10.61 -10.81
CA ASN B 113 15.16 10.32 -11.99
C ASN B 113 15.25 8.83 -12.28
N ILE B 114 15.85 8.10 -11.34
CA ILE B 114 16.00 6.65 -11.47
C ILE B 114 14.63 5.99 -11.72
N TRP B 115 13.65 6.40 -10.94
CA TRP B 115 12.26 6.02 -11.11
C TRP B 115 11.90 5.94 -12.60
N SER B 116 12.18 7.02 -13.33
CA SER B 116 11.72 7.14 -14.71
C SER B 116 12.43 6.26 -15.76
N PHE B 117 13.48 5.57 -15.36
CA PHE B 117 14.19 4.69 -16.29
C PHE B 117 13.39 3.42 -16.59
N PHE B 118 12.36 3.17 -15.78
CA PHE B 118 11.69 1.87 -15.83
C PHE B 118 10.22 1.93 -16.25
N THR B 119 9.69 3.13 -16.46
CA THR B 119 8.32 3.24 -16.93
C THR B 119 8.14 2.39 -18.19
N ALA B 120 6.93 1.89 -18.42
CA ALA B 120 6.71 0.91 -19.49
C ALA B 120 7.22 1.41 -20.84
N ASN B 121 7.00 2.69 -21.10
CA ASN B 121 7.42 3.29 -22.36
C ASN B 121 8.94 3.34 -22.53
N HIS B 122 9.66 3.37 -21.43
CA HIS B 122 11.12 3.40 -21.45
C HIS B 122 11.75 2.04 -21.19
N CYS B 123 10.94 1.02 -20.96
CA CYS B 123 11.45 -0.29 -20.54
C CYS B 123 10.39 -1.39 -20.53
N PRO B 124 9.96 -1.81 -21.73
CA PRO B 124 8.83 -2.71 -21.97
C PRO B 124 9.05 -4.16 -21.56
N SER B 125 10.31 -4.57 -21.40
CA SER B 125 10.59 -5.92 -20.93
C SER B 125 9.97 -6.11 -19.56
N LEU B 126 9.74 -4.98 -18.88
CA LEU B 126 9.15 -4.96 -17.55
C LEU B 126 7.74 -4.38 -17.57
N ALA B 127 7.22 -4.08 -18.76
CA ALA B 127 5.88 -3.53 -18.86
C ALA B 127 4.86 -4.54 -18.37
N GLY B 128 4.24 -4.24 -17.24
CA GLY B 128 3.28 -5.15 -16.63
C GLY B 128 3.89 -5.96 -15.49
N LYS B 129 5.20 -5.87 -15.37
CA LYS B 129 5.91 -6.50 -14.26
C LYS B 129 6.17 -5.47 -13.18
N PRO B 130 6.34 -5.93 -11.93
CA PRO B 130 6.47 -5.02 -10.80
C PRO B 130 7.90 -4.54 -10.59
N LYS B 131 8.07 -3.24 -10.38
CA LYS B 131 9.38 -2.67 -10.05
C LYS B 131 9.41 -2.17 -8.60
N LEU B 132 10.34 -2.69 -7.81
CA LEU B 132 10.36 -2.46 -6.37
C LEU B 132 11.56 -1.64 -5.93
N PHE B 133 11.30 -0.50 -5.30
CA PHE B 133 12.38 0.32 -4.78
C PHE B 133 12.25 0.46 -3.26
N PHE B 134 13.28 0.02 -2.54
CA PHE B 134 13.29 0.17 -1.10
C PHE B 134 14.36 1.18 -0.72
N ILE B 135 14.06 2.05 0.23
CA ILE B 135 15.03 3.07 0.61
C ILE B 135 15.23 3.11 2.12
N GLN B 136 16.48 3.28 2.53
CA GLN B 136 16.78 3.54 3.92
C GLN B 136 17.47 4.88 3.96
N ALA B 137 16.68 5.93 3.78
CA ALA B 137 17.21 7.29 3.80
C ALA B 137 16.68 8.03 5.02
N CYS B 138 17.60 8.64 5.75
CA CYS B 138 17.26 9.44 6.93
C CYS B 138 16.31 10.56 6.52
N GLN B 139 15.80 10.44 5.30
CA GLN B 139 14.92 11.42 4.65
C GLN B 139 13.88 12.00 5.58
N GLY B 140 13.90 13.32 5.73
CA GLY B 140 13.05 14.01 6.70
C GLY B 140 13.90 14.72 7.74
N ASP B 141 13.27 15.18 8.82
CA ASP B 141 13.93 16.07 9.76
C ASP B 141 13.25 16.16 11.13
N ARG B 142 11.95 15.89 11.14
CA ARG B 142 11.16 15.92 12.37
C ARG B 142 11.27 14.59 13.13
N LEU B 143 11.01 14.61 14.44
CA LEU B 143 10.96 13.38 15.23
C LEU B 143 9.54 12.99 15.59
N ASP B 144 9.35 11.72 15.98
CA ASP B 144 8.04 11.21 16.34
C ASP B 144 8.05 10.73 17.77
N GLY B 145 7.26 11.39 18.62
CA GLY B 145 7.28 11.12 20.05
C GLY B 145 6.56 9.85 20.42
N GLY B 146 5.61 9.48 19.59
CA GLY B 146 4.87 8.25 19.79
C GLY B 146 3.82 8.38 20.88
N VAL B 147 3.23 7.24 21.22
CA VAL B 147 2.16 7.18 22.20
C VAL B 147 2.22 5.84 22.92
N THR B 148 2.11 5.88 24.25
CA THR B 148 2.16 4.69 25.07
C THR B 148 0.86 3.91 24.98
N MET B 149 0.96 2.58 25.05
CA MET B 149 -0.22 1.73 24.86
C MET B 149 -0.50 0.82 26.05
N GLN B 150 -1.74 0.34 26.14
CA GLN B 150 -2.12 -0.58 27.21
C GLN B 150 -1.34 -1.88 27.10
N ARG B 151 -0.77 -2.34 28.21
CA ARG B 151 -0.05 -3.61 28.26
C ARG B 151 -0.69 -4.65 27.35
N SER B 152 0.09 -5.62 26.90
CA SER B 152 -0.41 -6.59 25.93
C SER B 152 0.31 -7.92 26.02
N ASP C 10 12.79 -9.37 45.88
CA ASP C 10 12.27 -9.83 44.59
C ASP C 10 13.32 -9.89 43.47
N LEU C 11 12.80 -9.86 42.24
CA LEU C 11 13.53 -10.30 41.06
C LEU C 11 14.69 -9.42 40.58
N ASN C 12 14.72 -8.16 40.98
CA ASN C 12 15.76 -7.25 40.49
C ASN C 12 17.17 -7.77 40.78
N ARG C 13 17.28 -8.61 41.81
CA ARG C 13 18.57 -9.20 42.15
C ARG C 13 18.87 -10.44 41.31
N GLU C 14 20.11 -10.54 40.83
CA GLU C 14 20.51 -11.70 40.03
C GLU C 14 20.30 -12.97 40.84
N GLU C 15 20.55 -12.87 42.15
CA GLU C 15 20.34 -13.98 43.07
C GLU C 15 18.91 -14.50 42.96
N THR C 16 17.95 -13.58 42.95
CA THR C 16 16.54 -13.94 42.91
C THR C 16 16.16 -14.48 41.55
N ARG C 17 16.84 -14.01 40.51
CA ARG C 17 16.60 -14.47 39.16
C ARG C 17 17.10 -15.90 38.95
N LEU C 18 18.10 -16.30 39.73
CA LEU C 18 18.63 -17.66 39.65
C LEU C 18 17.74 -18.65 40.40
N LYS C 19 17.29 -18.24 41.60
CA LYS C 19 16.51 -19.13 42.45
C LYS C 19 15.15 -19.47 41.86
N THR C 20 14.81 -18.78 40.78
CA THR C 20 13.57 -19.05 40.06
C THR C 20 13.76 -20.18 39.06
N PHE C 21 15.02 -20.41 38.69
CA PHE C 21 15.35 -21.48 37.76
C PHE C 21 15.46 -22.85 38.42
N THR C 22 14.97 -22.95 39.65
CA THR C 22 14.83 -24.25 40.29
C THR C 22 13.83 -25.07 39.48
N ASP C 23 14.09 -26.36 39.35
CA ASP C 23 13.25 -27.20 38.51
C ASP C 23 13.30 -26.73 37.06
N TRP C 24 14.46 -26.25 36.64
CA TRP C 24 14.65 -25.80 35.27
C TRP C 24 14.89 -26.96 34.31
N PRO C 25 13.93 -27.22 33.40
CA PRO C 25 14.07 -28.23 32.36
C PRO C 25 15.17 -27.83 31.38
N LEU C 26 15.15 -28.38 30.18
CA LEU C 26 16.14 -28.03 29.18
C LEU C 26 17.54 -28.01 29.80
N ASP C 27 18.05 -29.21 30.05
CA ASP C 27 19.34 -29.39 30.71
C ASP C 27 20.43 -28.61 29.99
N TRP C 28 20.54 -28.83 28.68
CA TRP C 28 21.67 -28.33 27.90
C TRP C 28 21.94 -26.83 28.05
N LEU C 29 20.88 -26.05 28.29
CA LEU C 29 21.00 -24.60 28.30
C LEU C 29 21.56 -24.03 29.61
N ASP C 30 22.44 -23.05 29.48
CA ASP C 30 23.11 -22.43 30.61
C ASP C 30 22.13 -21.74 31.55
N LYS C 31 21.62 -22.49 32.52
CA LYS C 31 20.68 -21.95 33.51
C LYS C 31 21.23 -20.67 34.14
N ARG C 32 22.50 -20.74 34.56
CA ARG C 32 23.13 -19.67 35.33
C ARG C 32 23.23 -18.34 34.57
N GLN C 33 24.07 -18.31 33.54
CA GLN C 33 24.32 -17.09 32.78
C GLN C 33 23.05 -16.54 32.10
N LEU C 34 22.13 -17.43 31.77
CA LEU C 34 20.86 -17.02 31.19
C LEU C 34 20.13 -16.10 32.16
N ALA C 35 19.97 -16.55 33.40
CA ALA C 35 19.34 -15.75 34.44
C ALA C 35 20.15 -14.47 34.68
N GLN C 36 21.46 -14.57 34.44
CA GLN C 36 22.36 -13.46 34.71
C GLN C 36 22.08 -12.25 33.84
N THR C 37 21.58 -12.48 32.63
CA THR C 37 21.33 -11.39 31.69
C THR C 37 19.89 -10.86 31.73
N GLY C 38 19.30 -10.84 32.92
CA GLY C 38 17.97 -10.31 33.10
C GLY C 38 16.86 -11.32 32.91
N MET C 39 17.24 -12.53 32.53
CA MET C 39 16.25 -13.58 32.34
C MET C 39 15.92 -14.31 33.63
N TYR C 40 14.70 -14.81 33.72
CA TYR C 40 14.29 -15.63 34.86
C TYR C 40 13.17 -16.58 34.46
N PHE C 41 13.09 -17.72 35.13
CA PHE C 41 12.13 -18.76 34.76
C PHE C 41 10.70 -18.35 35.07
N THR C 42 9.81 -18.59 34.11
CA THR C 42 8.40 -18.32 34.30
C THR C 42 7.73 -19.52 34.94
N HIS C 43 8.49 -20.60 35.10
CA HIS C 43 7.96 -21.87 35.60
C HIS C 43 6.80 -22.36 34.74
N ALA C 44 7.08 -22.56 33.45
CA ALA C 44 6.11 -23.04 32.50
C ALA C 44 6.86 -23.40 31.24
N GLY C 45 7.07 -24.69 31.01
CA GLY C 45 7.89 -25.14 29.91
C GLY C 45 9.29 -24.59 30.04
N ASP C 46 9.76 -23.93 28.98
CA ASP C 46 11.08 -23.31 28.99
C ASP C 46 10.98 -21.80 28.76
N LYS C 47 9.79 -21.27 29.03
CA LYS C 47 9.56 -19.83 28.93
C LYS C 47 10.35 -19.07 29.98
N VAL C 48 11.30 -18.25 29.54
CA VAL C 48 11.96 -17.33 30.45
C VAL C 48 11.55 -15.91 30.09
N LYS C 49 11.41 -15.06 31.10
CA LYS C 49 11.06 -13.68 30.86
C LYS C 49 12.18 -12.75 31.32
N CYS C 50 12.37 -11.64 30.62
CA CYS C 50 13.31 -10.62 31.07
C CYS C 50 12.61 -9.65 31.99
N PHE C 51 13.25 -9.36 33.13
CA PHE C 51 12.69 -8.47 34.13
C PHE C 51 12.92 -7.01 33.75
N PHE C 52 13.76 -6.80 32.75
CA PHE C 52 14.15 -5.46 32.35
C PHE C 52 13.52 -4.99 31.03
N CYS C 53 12.60 -5.77 30.47
CA CYS C 53 11.93 -5.40 29.23
C CYS C 53 10.67 -6.23 29.00
N GLY C 54 10.43 -7.19 29.90
CA GLY C 54 9.20 -7.94 29.92
C GLY C 54 9.02 -8.95 28.81
N VAL C 55 10.10 -9.20 28.06
CA VAL C 55 10.05 -10.16 26.97
C VAL C 55 10.04 -11.58 27.50
N GLU C 56 9.45 -12.49 26.74
CA GLU C 56 9.39 -13.88 27.14
C GLU C 56 9.64 -14.78 25.95
N ILE C 57 10.52 -15.76 26.15
CA ILE C 57 11.04 -16.55 25.06
C ILE C 57 11.07 -18.04 25.42
N GLY C 58 10.73 -18.89 24.44
CA GLY C 58 10.64 -20.31 24.67
C GLY C 58 10.95 -21.13 23.44
N SER C 59 10.94 -22.45 23.59
CA SER C 59 11.28 -23.35 22.49
C SER C 59 12.67 -23.04 21.95
N TRP C 60 13.69 -23.54 22.63
CA TRP C 60 15.07 -23.25 22.27
C TRP C 60 15.72 -24.41 21.51
N GLU C 61 16.36 -24.10 20.39
CA GLU C 61 17.14 -25.10 19.66
C GLU C 61 18.49 -25.27 20.35
N GLN C 62 19.13 -26.42 20.15
CA GLN C 62 20.32 -26.81 20.92
C GLN C 62 21.59 -25.96 20.70
N GLU C 63 21.42 -24.70 20.31
CA GLU C 63 22.54 -23.79 20.10
C GLU C 63 22.14 -22.34 20.32
N ASP C 64 20.84 -22.10 20.44
CA ASP C 64 20.36 -20.74 20.70
C ASP C 64 21.10 -20.15 21.89
N GLN C 65 21.87 -19.11 21.62
CA GLN C 65 22.61 -18.43 22.68
C GLN C 65 21.71 -17.38 23.35
N PRO C 66 21.69 -17.40 24.70
CA PRO C 66 20.86 -16.57 25.57
C PRO C 66 20.93 -15.08 25.26
N VAL C 67 22.14 -14.55 25.09
CA VAL C 67 22.28 -13.13 24.76
C VAL C 67 21.74 -12.78 23.38
N PRO C 68 22.35 -13.33 22.31
CA PRO C 68 21.92 -12.96 20.95
C PRO C 68 20.44 -13.20 20.72
N GLU C 69 19.88 -14.24 21.33
CA GLU C 69 18.46 -14.54 21.18
C GLU C 69 17.58 -13.58 21.97
N HIS C 70 18.09 -13.13 23.11
CA HIS C 70 17.45 -12.07 23.88
C HIS C 70 17.45 -10.80 23.02
N GLN C 71 18.62 -10.46 22.49
CA GLN C 71 18.77 -9.31 21.61
C GLN C 71 17.81 -9.37 20.43
N ARG C 72 17.70 -10.55 19.81
CA ARG C 72 16.88 -10.70 18.61
C ARG C 72 15.43 -10.31 18.85
N TRP C 73 14.88 -10.77 19.96
CA TRP C 73 13.47 -10.52 20.27
C TRP C 73 13.22 -9.23 21.05
N SER C 74 14.29 -8.59 21.52
CA SER C 74 14.17 -7.35 22.28
C SER C 74 15.34 -6.43 22.01
N PRO C 75 15.25 -5.66 20.91
CA PRO C 75 16.32 -4.80 20.40
C PRO C 75 16.57 -3.57 21.24
N ASN C 76 15.77 -3.38 22.28
CA ASN C 76 15.86 -2.15 23.08
C ASN C 76 16.18 -2.40 24.54
N CYS C 77 15.94 -3.63 25.00
CA CYS C 77 16.17 -3.99 26.40
C CYS C 77 17.24 -3.14 27.07
N PRO C 78 16.81 -2.30 28.03
CA PRO C 78 17.67 -1.35 28.74
C PRO C 78 18.89 -2.01 29.34
N LEU C 79 18.69 -3.15 29.98
CA LEU C 79 19.81 -3.90 30.54
C LEU C 79 20.80 -4.23 29.43
N LEU C 80 20.29 -4.76 28.32
CA LEU C 80 21.14 -5.26 27.24
C LEU C 80 21.89 -4.18 26.45
N ARG C 81 21.21 -3.10 26.08
CA ARG C 81 21.88 -2.02 25.38
C ARG C 81 22.80 -1.26 26.33
N ARG C 82 22.78 -1.65 27.60
CA ARG C 82 23.69 -1.12 28.63
C ARG C 82 23.27 0.22 29.22
N ARG C 83 21.98 0.44 29.36
CA ARG C 83 21.49 1.55 30.17
C ARG C 83 21.70 1.18 31.64
N THR C 84 21.73 2.19 32.51
CA THR C 84 21.85 1.94 33.93
C THR C 84 20.51 1.47 34.53
N THR C 85 20.51 0.31 35.16
CA THR C 85 19.27 -0.23 35.72
C THR C 85 19.48 -0.90 37.08
N ASN C 86 18.37 -1.13 37.79
CA ASN C 86 18.39 -1.65 39.15
C ASN C 86 19.05 -3.02 39.29
N ASN C 87 19.64 -3.50 38.20
CA ASN C 87 20.24 -4.83 38.18
C ASN C 87 21.21 -5.05 39.32
N VAL C 88 21.04 -6.16 40.04
CA VAL C 88 21.93 -6.54 41.11
C VAL C 88 22.81 -7.72 40.68
N PRO C 89 23.96 -7.41 40.04
CA PRO C 89 24.82 -8.40 39.39
C PRO C 89 25.61 -9.26 40.36
N ILE C 90 25.25 -10.53 40.46
CA ILE C 90 26.01 -11.48 41.28
C ILE C 90 27.49 -11.37 40.94
N ASN C 91 27.79 -10.99 39.72
CA ASN C 91 29.16 -10.76 39.29
C ASN C 91 29.18 -9.70 38.20
N ALA C 92 29.35 -8.45 38.62
CA ALA C 92 29.33 -7.33 37.69
C ALA C 92 30.42 -7.42 36.61
N GLU C 93 31.59 -7.93 36.96
CA GLU C 93 32.67 -8.08 36.00
C GLU C 93 32.32 -9.10 34.93
N ALA C 94 31.61 -10.16 35.33
CA ALA C 94 31.15 -11.17 34.40
C ALA C 94 30.28 -10.54 33.33
N LEU C 95 29.26 -9.78 33.76
CA LEU C 95 28.37 -9.10 32.84
C LEU C 95 29.16 -8.24 31.87
N ASP C 96 30.08 -7.44 32.40
CA ASP C 96 30.79 -6.46 31.60
C ASP C 96 31.44 -7.06 30.37
N ARG C 97 31.80 -8.34 30.45
CA ARG C 97 32.40 -9.01 29.30
C ARG C 97 31.35 -9.72 28.43
N ILE C 98 30.33 -10.27 29.08
CA ILE C 98 29.30 -11.05 28.40
C ILE C 98 28.38 -10.21 27.51
N LEU C 99 28.03 -9.03 28.00
CA LEU C 99 27.08 -8.15 27.33
C LEU C 99 27.54 -7.76 25.93
N PRO C 100 26.57 -7.47 25.04
CA PRO C 100 26.89 -6.99 23.70
C PRO C 100 27.73 -5.74 23.81
N PRO C 101 28.49 -5.41 22.75
CA PRO C 101 29.40 -4.26 22.80
C PRO C 101 28.67 -2.96 23.12
N ILE C 102 28.39 -2.17 22.10
CA ILE C 102 27.73 -0.90 22.31
C ILE C 102 27.01 -0.44 21.04
N SER C 103 25.73 -0.13 21.18
CA SER C 103 24.88 0.16 20.06
C SER C 103 24.41 1.60 20.11
N TYR C 104 25.06 2.47 19.35
CA TYR C 104 24.60 3.84 19.24
C TYR C 104 23.45 3.92 18.26
N ASP C 105 22.50 4.82 18.48
CA ASP C 105 21.41 5.03 17.53
C ASP C 105 21.46 6.41 16.91
N ILE C 106 21.23 6.49 15.61
CA ILE C 106 21.42 7.74 14.90
C ILE C 106 20.28 8.03 13.94
N CYS C 107 20.32 9.18 13.29
CA CYS C 107 19.25 9.57 12.39
C CYS C 107 19.64 10.69 11.41
N GLY C 108 20.93 10.92 11.25
CA GLY C 108 21.41 11.89 10.27
C GLY C 108 22.90 12.11 10.29
N ALA C 109 23.44 12.36 11.49
CA ALA C 109 24.86 12.63 11.65
C ALA C 109 25.22 12.68 13.13
N MET D 8 -18.48 -15.17 -43.73
CA MET D 8 -19.63 -14.36 -44.08
C MET D 8 -19.26 -12.88 -44.09
N ASN D 9 -19.73 -12.15 -45.11
CA ASN D 9 -19.58 -10.71 -45.15
C ASN D 9 -19.71 -10.30 -43.70
N ASP D 10 -18.57 -10.03 -43.09
CA ASP D 10 -18.41 -10.29 -41.67
C ASP D 10 -19.18 -9.40 -40.70
N LEU D 11 -18.71 -9.42 -39.46
CA LEU D 11 -19.48 -8.98 -38.30
C LEU D 11 -19.78 -7.49 -38.17
N ASN D 12 -19.00 -6.64 -38.84
CA ASN D 12 -19.20 -5.20 -38.68
C ASN D 12 -20.63 -4.76 -39.03
N ARG D 13 -21.32 -5.56 -39.84
CA ARG D 13 -22.70 -5.25 -40.19
C ARG D 13 -23.67 -5.77 -39.14
N GLU D 14 -24.65 -4.95 -38.79
CA GLU D 14 -25.66 -5.35 -37.80
C GLU D 14 -26.38 -6.62 -38.28
N GLU D 15 -26.57 -6.70 -39.59
CA GLU D 15 -27.17 -7.87 -40.22
C GLU D 15 -26.40 -9.13 -39.84
N THR D 16 -25.08 -9.06 -39.92
CA THR D 16 -24.23 -10.21 -39.64
C THR D 16 -24.20 -10.52 -38.15
N ARG D 17 -24.37 -9.48 -37.33
CA ARG D 17 -24.40 -9.65 -35.88
C ARG D 17 -25.69 -10.32 -35.42
N LEU D 18 -26.76 -10.18 -36.21
CA LEU D 18 -28.02 -10.82 -35.89
C LEU D 18 -28.02 -12.30 -36.29
N LYS D 19 -27.48 -12.58 -37.48
CA LYS D 19 -27.50 -13.94 -38.03
C LYS D 19 -26.65 -14.89 -37.20
N THR D 20 -25.87 -14.34 -36.28
CA THR D 20 -25.06 -15.15 -35.38
C THR D 20 -25.89 -15.60 -34.18
N PHE D 21 -26.98 -14.89 -33.93
CA PHE D 21 -27.87 -15.23 -32.83
C PHE D 21 -28.86 -16.33 -33.17
N THR D 22 -28.61 -17.02 -34.28
CA THR D 22 -29.38 -18.22 -34.60
C THR D 22 -29.08 -19.25 -33.52
N ASP D 23 -30.10 -20.01 -33.12
CA ASP D 23 -29.95 -20.96 -32.03
C ASP D 23 -29.62 -20.21 -30.73
N TRP D 24 -30.18 -19.03 -30.56
CA TRP D 24 -29.96 -18.24 -29.35
C TRP D 24 -30.83 -18.71 -28.20
N PRO D 25 -30.21 -19.28 -27.16
CA PRO D 25 -30.91 -19.68 -25.94
C PRO D 25 -31.43 -18.45 -25.21
N LEU D 26 -31.70 -18.56 -23.92
CA LEU D 26 -32.17 -17.43 -23.14
C LEU D 26 -33.27 -16.69 -23.92
N ASP D 27 -34.44 -17.30 -23.96
CA ASP D 27 -35.58 -16.78 -24.69
C ASP D 27 -35.89 -15.34 -24.30
N TRP D 28 -36.05 -15.11 -23.01
CA TRP D 28 -36.54 -13.83 -22.49
C TRP D 28 -35.79 -12.59 -22.99
N LEU D 29 -34.50 -12.75 -23.28
CA LEU D 29 -33.66 -11.61 -23.62
C LEU D 29 -33.79 -11.17 -25.08
N ASP D 30 -33.83 -9.85 -25.28
CA ASP D 30 -34.01 -9.27 -26.60
C ASP D 30 -32.87 -9.61 -27.54
N LYS D 31 -33.00 -10.73 -28.25
CA LYS D 31 -31.99 -11.16 -29.21
C LYS D 31 -31.63 -10.03 -30.17
N ARG D 32 -32.66 -9.38 -30.72
CA ARG D 32 -32.50 -8.38 -31.78
C ARG D 32 -31.69 -7.16 -31.36
N GLN D 33 -32.26 -6.35 -30.47
CA GLN D 33 -31.63 -5.11 -30.04
C GLN D 33 -30.27 -5.35 -29.36
N LEU D 34 -30.11 -6.51 -28.74
CA LEU D 34 -28.85 -6.86 -28.11
C LEU D 34 -27.74 -6.88 -29.17
N ALA D 35 -27.98 -7.61 -30.24
CA ALA D 35 -27.04 -7.67 -31.35
C ALA D 35 -26.87 -6.30 -31.98
N GLN D 36 -27.91 -5.48 -31.88
CA GLN D 36 -27.92 -4.16 -32.48
C GLN D 36 -26.87 -3.22 -31.88
N THR D 37 -26.57 -3.42 -30.60
CA THR D 37 -25.63 -2.55 -29.90
C THR D 37 -24.20 -3.08 -29.91
N GLY D 38 -23.80 -3.73 -30.99
CA GLY D 38 -22.44 -4.22 -31.12
C GLY D 38 -22.24 -5.62 -30.57
N MET D 39 -23.29 -6.19 -29.98
CA MET D 39 -23.20 -7.53 -29.44
C MET D 39 -23.48 -8.58 -30.50
N TYR D 40 -22.88 -9.76 -30.33
CA TYR D 40 -23.14 -10.89 -31.21
C TYR D 40 -22.88 -12.19 -30.46
N PHE D 41 -23.59 -13.25 -30.86
CA PHE D 41 -23.48 -14.52 -30.15
C PHE D 41 -22.13 -15.20 -30.37
N THR D 42 -21.55 -15.72 -29.29
CA THR D 42 -20.31 -16.47 -29.37
C THR D 42 -20.61 -17.94 -29.64
N HIS D 43 -21.89 -18.27 -29.64
CA HIS D 43 -22.33 -19.66 -29.78
C HIS D 43 -21.69 -20.55 -28.70
N ALA D 44 -21.97 -20.20 -27.46
CA ALA D 44 -21.48 -20.93 -26.29
C ALA D 44 -22.22 -20.40 -25.08
N GLY D 45 -23.20 -21.17 -24.60
CA GLY D 45 -24.06 -20.71 -23.54
C GLY D 45 -24.79 -19.44 -23.95
N ASP D 46 -24.67 -18.40 -23.13
CA ASP D 46 -25.29 -17.11 -23.43
C ASP D 46 -24.22 -16.03 -23.53
N LYS D 47 -22.98 -16.45 -23.76
CA LYS D 47 -21.88 -15.51 -23.96
C LYS D 47 -22.06 -14.71 -25.24
N VAL D 48 -22.22 -13.40 -25.11
CA VAL D 48 -22.20 -12.52 -26.26
C VAL D 48 -20.95 -11.65 -26.19
N LYS D 49 -20.37 -11.36 -27.34
CA LYS D 49 -19.20 -10.51 -27.39
C LYS D 49 -19.49 -9.24 -28.17
N CYS D 50 -18.87 -8.14 -27.77
CA CYS D 50 -18.97 -6.90 -28.54
C CYS D 50 -17.86 -6.86 -29.57
N PHE D 51 -18.22 -6.52 -30.81
CA PHE D 51 -17.27 -6.48 -31.90
C PHE D 51 -16.51 -5.17 -31.89
N PHE D 52 -16.96 -4.23 -31.07
CA PHE D 52 -16.37 -2.90 -31.01
C PHE D 52 -15.51 -2.63 -29.78
N CYS D 53 -15.29 -3.64 -28.95
CA CYS D 53 -14.45 -3.48 -27.76
C CYS D 53 -14.01 -4.84 -27.20
N GLY D 54 -14.49 -5.90 -27.83
CA GLY D 54 -14.03 -7.25 -27.55
C GLY D 54 -14.48 -7.82 -26.23
N VAL D 55 -15.43 -7.15 -25.58
CA VAL D 55 -15.94 -7.62 -24.30
C VAL D 55 -16.87 -8.80 -24.50
N GLU D 56 -16.96 -9.66 -23.49
CA GLU D 56 -17.83 -10.82 -23.56
C GLU D 56 -18.54 -11.03 -22.24
N ILE D 57 -19.85 -11.25 -22.30
CA ILE D 57 -20.68 -11.22 -21.12
C ILE D 57 -21.69 -12.37 -21.14
N GLY D 58 -21.92 -12.97 -19.98
CA GLY D 58 -22.77 -14.14 -19.87
C GLY D 58 -23.46 -14.25 -18.53
N SER D 59 -24.31 -15.26 -18.38
CA SER D 59 -25.09 -15.44 -17.16
C SER D 59 -25.93 -14.21 -16.86
N TRP D 60 -27.08 -14.09 -17.53
CA TRP D 60 -27.93 -12.91 -17.41
C TRP D 60 -29.13 -13.16 -16.48
N GLU D 61 -29.35 -12.26 -15.54
CA GLU D 61 -30.55 -12.31 -14.71
C GLU D 61 -31.72 -11.75 -15.49
N GLN D 62 -32.93 -12.13 -15.10
CA GLN D 62 -34.15 -11.85 -15.89
C GLN D 62 -34.56 -10.38 -16.02
N GLU D 63 -33.59 -9.46 -15.90
CA GLU D 63 -33.86 -8.03 -16.05
C GLU D 63 -32.63 -7.29 -16.54
N ASP D 64 -31.49 -7.95 -16.56
CA ASP D 64 -30.27 -7.33 -17.06
C ASP D 64 -30.53 -6.71 -18.42
N GLN D 65 -30.43 -5.39 -18.50
CA GLN D 65 -30.61 -4.69 -19.75
C GLN D 65 -29.30 -4.67 -20.53
N PRO D 66 -29.38 -5.02 -21.83
CA PRO D 66 -28.25 -5.14 -22.76
C PRO D 66 -27.34 -3.92 -22.81
N VAL D 67 -27.91 -2.73 -22.90
CA VAL D 67 -27.09 -1.53 -22.93
C VAL D 67 -26.37 -1.27 -21.59
N PRO D 68 -27.13 -1.01 -20.51
CA PRO D 68 -26.49 -0.68 -19.23
C PRO D 68 -25.49 -1.74 -18.78
N GLU D 69 -25.76 -3.00 -19.09
CA GLU D 69 -24.87 -4.09 -18.68
C GLU D 69 -23.61 -4.13 -19.56
N HIS D 70 -23.78 -3.76 -20.83
CA HIS D 70 -22.67 -3.58 -21.74
C HIS D 70 -21.80 -2.44 -21.18
N GLN D 71 -22.45 -1.33 -20.86
CA GLN D 71 -21.78 -0.17 -20.29
C GLN D 71 -21.02 -0.53 -19.03
N ARG D 72 -21.66 -1.29 -18.14
CA ARG D 72 -21.05 -1.62 -16.86
C ARG D 72 -19.70 -2.31 -17.02
N TRP D 73 -19.64 -3.27 -17.93
CA TRP D 73 -18.42 -4.06 -18.11
C TRP D 73 -17.45 -3.47 -19.13
N SER D 74 -17.89 -2.45 -19.86
CA SER D 74 -17.04 -1.80 -20.86
C SER D 74 -17.33 -0.31 -20.93
N PRO D 75 -16.72 0.47 -20.03
CA PRO D 75 -16.95 1.91 -19.86
C PRO D 75 -16.38 2.76 -20.99
N ASN D 76 -15.71 2.13 -21.94
CA ASN D 76 -15.04 2.88 -22.99
C ASN D 76 -15.53 2.54 -24.39
N CYS D 77 -16.16 1.39 -24.53
CA CYS D 77 -16.64 0.91 -25.83
C CYS D 77 -16.95 2.05 -26.79
N PRO D 78 -16.15 2.16 -27.86
CA PRO D 78 -16.22 3.23 -28.87
C PRO D 78 -17.62 3.37 -29.45
N LEU D 79 -18.23 2.24 -29.79
CA LEU D 79 -19.59 2.28 -30.29
C LEU D 79 -20.50 2.94 -29.25
N LEU D 80 -20.39 2.50 -28.00
CA LEU D 80 -21.30 2.93 -26.94
C LEU D 80 -21.15 4.39 -26.51
N ARG D 81 -19.91 4.84 -26.31
CA ARG D 81 -19.70 6.23 -25.94
C ARG D 81 -19.97 7.14 -27.15
N ARG D 82 -20.27 6.52 -28.28
CA ARG D 82 -20.68 7.23 -29.49
C ARG D 82 -19.54 7.82 -30.32
N ARG D 83 -18.40 7.12 -30.36
CA ARG D 83 -17.37 7.42 -31.34
C ARG D 83 -17.85 6.92 -32.70
N THR D 84 -17.27 7.46 -33.77
CA THR D 84 -17.61 7.01 -35.11
C THR D 84 -16.91 5.69 -35.42
N THR D 85 -17.70 4.67 -35.77
CA THR D 85 -17.14 3.35 -36.06
C THR D 85 -17.80 2.66 -37.25
N ASN D 86 -17.13 1.61 -37.74
CA ASN D 86 -17.55 0.90 -38.95
C ASN D 86 -18.95 0.28 -38.85
N ASN D 87 -19.64 0.57 -37.75
CA ASN D 87 -20.96 -0.01 -37.52
C ASN D 87 -21.91 0.16 -38.69
N VAL D 88 -22.52 -0.95 -39.11
CA VAL D 88 -23.51 -0.92 -40.18
C VAL D 88 -24.91 -1.13 -39.60
N PRO D 89 -25.55 -0.02 -39.19
CA PRO D 89 -26.81 -0.04 -38.43
C PRO D 89 -28.03 -0.41 -39.27
N ILE D 90 -28.56 -1.60 -39.04
CA ILE D 90 -29.79 -2.01 -39.71
C ILE D 90 -30.85 -0.91 -39.59
N ASN D 91 -30.76 -0.13 -38.51
CA ASN D 91 -31.64 0.99 -38.31
C ASN D 91 -30.92 2.06 -37.49
N ALA D 92 -30.28 2.98 -38.19
CA ALA D 92 -29.49 4.03 -37.54
C ALA D 92 -30.32 4.91 -36.61
N GLU D 93 -31.57 5.18 -36.98
CA GLU D 93 -32.45 5.99 -36.14
C GLU D 93 -32.77 5.29 -34.83
N ALA D 94 -32.92 3.97 -34.91
CA ALA D 94 -33.17 3.16 -33.72
C ALA D 94 -32.02 3.33 -32.72
N LEU D 95 -30.80 3.13 -33.19
CA LEU D 95 -29.61 3.30 -32.35
C LEU D 95 -29.62 4.67 -31.69
N ASP D 96 -29.83 5.71 -32.49
CA ASP D 96 -29.70 7.09 -32.03
C ASP D 96 -30.53 7.35 -30.77
N ARG D 97 -31.63 6.63 -30.61
CA ARG D 97 -32.45 6.79 -29.41
C ARG D 97 -32.04 5.83 -28.29
N ILE D 98 -31.66 4.60 -28.68
CA ILE D 98 -31.33 3.54 -27.72
C ILE D 98 -30.05 3.81 -26.95
N LEU D 99 -29.04 4.33 -27.65
CA LEU D 99 -27.71 4.55 -27.08
C LEU D 99 -27.74 5.46 -25.86
N PRO D 100 -26.76 5.28 -24.95
CA PRO D 100 -26.61 6.16 -23.80
C PRO D 100 -26.46 7.60 -24.27
N PRO D 101 -26.78 8.58 -23.41
CA PRO D 101 -26.73 9.98 -23.83
C PRO D 101 -25.36 10.39 -24.35
N ILE D 102 -24.58 11.05 -23.50
CA ILE D 102 -23.27 11.50 -23.91
C ILE D 102 -22.38 11.70 -22.69
N SER D 103 -21.20 11.09 -22.75
CA SER D 103 -20.30 11.05 -21.63
C SER D 103 -19.01 11.79 -21.94
N TYR D 104 -18.92 13.02 -21.46
CA TYR D 104 -17.68 13.78 -21.63
C TYR D 104 -16.71 13.34 -20.56
N ASP D 105 -15.41 13.36 -20.88
CA ASP D 105 -14.38 13.05 -19.88
C ASP D 105 -13.50 14.25 -19.59
N ILE D 106 -13.21 14.48 -18.31
CA ILE D 106 -12.52 15.69 -17.93
C ILE D 106 -11.41 15.42 -16.93
N CYS D 107 -10.66 16.46 -16.57
CA CYS D 107 -9.54 16.29 -15.66
C CYS D 107 -9.06 17.58 -15.01
N GLY D 108 -9.90 18.61 -15.05
CA GLY D 108 -9.58 19.86 -14.38
C GLY D 108 -10.58 20.97 -14.61
N ALA D 109 -10.91 21.21 -15.88
CA ALA D 109 -11.84 22.25 -16.27
C ALA D 109 -12.14 22.14 -17.76
N ASN D 110 -11.14 22.45 -18.57
CA ASN D 110 -11.24 22.35 -20.02
C ASN D 110 -12.68 22.54 -20.47
N ASP D 111 -13.16 23.78 -20.46
CA ASP D 111 -14.56 24.07 -20.75
C ASP D 111 -15.05 23.45 -22.06
N SER D 112 -15.71 22.30 -21.93
CA SER D 112 -16.23 21.54 -23.06
C SER D 112 -17.32 20.60 -22.55
N THR D 113 -17.57 20.68 -21.25
CA THR D 113 -18.59 19.88 -20.57
C THR D 113 -19.97 20.46 -20.80
N LEU D 114 -20.49 21.11 -19.76
CA LEU D 114 -21.68 21.95 -19.85
C LEU D 114 -21.20 23.40 -19.79
N GLU D 115 -20.07 23.65 -20.43
CA GLU D 115 -19.40 24.95 -20.39
C GLU D 115 -20.30 26.08 -20.88
N MET E 5 7.36 -3.76 30.44
CA MET E 5 6.43 -4.45 29.53
C MET E 5 5.44 -3.49 28.86
N SER E 6 5.62 -2.19 29.08
CA SER E 6 4.81 -1.18 28.40
C SER E 6 5.55 -0.65 27.18
N TYR E 7 4.82 -0.40 26.09
CA TYR E 7 5.43 -0.04 24.82
C TYR E 7 4.76 1.17 24.20
N LYS E 8 5.43 1.75 23.21
CA LYS E 8 4.97 2.96 22.57
C LYS E 8 4.90 2.75 21.05
N ILE E 9 4.17 3.61 20.35
CA ILE E 9 3.99 3.47 18.90
C ILE E 9 3.93 4.82 18.20
N PRO E 10 4.40 4.89 16.94
CA PRO E 10 4.43 6.15 16.21
C PRO E 10 3.07 6.81 16.18
N VAL E 11 3.02 8.12 16.38
CA VAL E 11 1.78 8.87 16.32
C VAL E 11 1.26 8.91 14.89
N HIS E 12 2.17 8.69 13.94
CA HIS E 12 1.86 8.73 12.51
C HIS E 12 1.62 7.35 11.87
N ALA E 13 1.33 6.35 12.70
CA ALA E 13 1.05 5.02 12.17
C ALA E 13 -0.45 4.78 12.03
N ASP E 14 -0.81 3.80 11.22
CA ASP E 14 -2.20 3.39 10.99
C ASP E 14 -2.98 4.38 10.13
N PHE E 15 -2.26 5.17 9.36
CA PHE E 15 -2.90 6.06 8.39
C PHE E 15 -2.89 5.44 7.00
N LEU E 16 -3.88 5.79 6.20
CA LEU E 16 -3.92 5.32 4.83
C LEU E 16 -4.50 6.40 3.92
N ILE E 17 -3.69 6.84 2.97
CA ILE E 17 -4.13 7.83 2.01
C ILE E 17 -4.15 7.22 0.63
N ALA E 18 -5.36 6.96 0.14
CA ALA E 18 -5.52 6.32 -1.15
C ALA E 18 -6.10 7.31 -2.12
N TYR E 19 -5.28 8.21 -2.66
CA TYR E 19 -5.86 9.22 -3.54
C TYR E 19 -5.69 8.97 -5.05
N SER E 20 -6.57 9.61 -5.81
CA SER E 20 -6.90 9.23 -7.18
C SER E 20 -5.75 8.81 -8.09
N THR E 21 -4.71 9.63 -8.19
CA THR E 21 -3.62 9.36 -9.14
C THR E 21 -2.26 9.79 -8.65
N VAL E 22 -1.23 9.17 -9.21
CA VAL E 22 0.15 9.50 -8.92
C VAL E 22 0.35 11.01 -8.96
N PRO E 23 1.10 11.56 -7.98
CA PRO E 23 1.40 13.00 -7.88
C PRO E 23 1.89 13.65 -9.18
N GLY E 24 1.28 14.79 -9.53
CA GLY E 24 1.65 15.50 -10.72
C GLY E 24 0.95 14.98 -11.97
N PHE E 25 -0.22 14.38 -11.78
CA PHE E 25 -0.99 13.87 -12.91
C PHE E 25 -2.47 14.17 -12.80
N TYR E 26 -3.17 14.07 -13.92
CA TYR E 26 -4.59 14.37 -13.95
C TYR E 26 -5.41 13.29 -13.29
N SER E 27 -6.66 13.62 -12.94
CA SER E 27 -7.63 12.63 -12.48
C SER E 27 -8.83 12.66 -13.40
N TRP E 28 -9.02 11.57 -14.15
CA TRP E 28 -10.11 11.47 -15.11
C TRP E 28 -11.46 11.15 -14.46
N ARG E 29 -12.52 11.62 -15.11
CA ARG E 29 -13.82 11.70 -14.50
C ARG E 29 -14.88 11.78 -15.60
N ASN E 30 -15.77 10.80 -15.62
CA ASN E 30 -16.88 10.79 -16.55
C ASN E 30 -18.02 11.64 -16.02
N THR E 31 -18.52 12.56 -16.83
CA THR E 31 -19.51 13.52 -16.39
C THR E 31 -20.79 12.84 -15.93
N THR E 32 -21.07 11.67 -16.48
CA THR E 32 -22.34 10.99 -16.23
C THR E 32 -22.18 9.60 -15.58
N ARG E 33 -21.07 9.39 -14.89
CA ARG E 33 -20.82 8.13 -14.20
C ARG E 33 -19.84 8.32 -13.04
N GLY E 34 -19.28 9.52 -12.92
CA GLY E 34 -18.32 9.81 -11.88
C GLY E 34 -16.89 9.50 -12.27
N SER E 35 -15.97 9.71 -11.34
CA SER E 35 -14.54 9.53 -11.61
C SER E 35 -14.12 8.07 -11.81
N TRP E 36 -13.06 7.87 -12.59
CA TRP E 36 -12.50 6.54 -12.79
C TRP E 36 -12.33 5.88 -11.42
N PHE E 37 -11.83 6.67 -10.48
CA PHE E 37 -11.42 6.17 -9.17
C PHE E 37 -12.60 5.75 -8.33
N MET E 38 -13.57 6.65 -8.18
CA MET E 38 -14.72 6.36 -7.36
C MET E 38 -15.51 5.20 -7.91
N GLN E 39 -15.61 5.13 -9.23
CA GLN E 39 -16.31 4.03 -9.87
C GLN E 39 -15.66 2.72 -9.45
N SER E 40 -14.36 2.63 -9.63
CA SER E 40 -13.62 1.41 -9.31
C SER E 40 -13.61 1.14 -7.82
N LEU E 41 -13.50 2.20 -7.03
CA LEU E 41 -13.54 2.06 -5.58
C LEU E 41 -14.83 1.38 -5.16
N CYS E 42 -15.95 2.05 -5.39
CA CYS E 42 -17.24 1.51 -5.01
C CYS E 42 -17.42 0.09 -5.54
N ALA E 43 -17.09 -0.09 -6.82
CA ALA E 43 -17.24 -1.38 -7.45
C ALA E 43 -16.62 -2.48 -6.59
N GLU E 44 -15.39 -2.24 -6.12
CA GLU E 44 -14.67 -3.23 -5.33
C GLU E 44 -15.22 -3.36 -3.92
N LEU E 45 -15.53 -2.23 -3.29
CA LEU E 45 -16.04 -2.26 -1.92
C LEU E 45 -17.31 -3.09 -1.82
N ALA E 46 -18.28 -2.74 -2.65
CA ALA E 46 -19.49 -3.54 -2.77
C ALA E 46 -19.24 -4.69 -3.72
N ALA E 47 -18.40 -5.65 -3.30
CA ALA E 47 -18.08 -6.79 -4.14
C ALA E 47 -17.08 -7.64 -3.41
N ASN E 48 -16.31 -7.00 -2.56
CA ASN E 48 -15.23 -7.67 -1.85
C ASN E 48 -15.03 -7.11 -0.45
N GLY E 49 -15.39 -5.84 -0.26
CA GLY E 49 -15.15 -5.14 0.99
C GLY E 49 -15.33 -5.98 2.25
N LYS E 50 -16.27 -6.90 2.22
CA LYS E 50 -16.52 -7.81 3.32
C LYS E 50 -15.49 -8.95 3.35
N ARG E 51 -15.30 -9.56 2.18
CA ARG E 51 -14.43 -10.71 1.98
C ARG E 51 -12.93 -10.41 2.08
N LEU E 52 -12.54 -9.20 1.66
CA LEU E 52 -11.14 -8.95 1.36
C LEU E 52 -10.35 -8.04 2.30
N ASP E 53 -9.05 -8.33 2.38
CA ASP E 53 -8.07 -7.44 3.00
C ASP E 53 -8.12 -6.08 2.34
N ILE E 54 -7.92 -5.03 3.13
CA ILE E 54 -7.98 -3.66 2.59
C ILE E 54 -6.91 -3.38 1.52
N LEU E 55 -5.70 -3.88 1.74
CA LEU E 55 -4.63 -3.60 0.80
C LEU E 55 -4.85 -4.26 -0.55
N THR E 56 -5.14 -5.56 -0.54
CA THR E 56 -5.37 -6.28 -1.77
C THR E 56 -6.63 -5.75 -2.40
N LEU E 57 -7.61 -5.39 -1.58
CA LEU E 57 -8.82 -4.77 -2.09
C LEU E 57 -8.44 -3.58 -2.98
N LEU E 58 -7.74 -2.62 -2.40
CA LEU E 58 -7.30 -1.44 -3.15
C LEU E 58 -6.44 -1.78 -4.36
N THR E 59 -5.68 -2.86 -4.26
CA THR E 59 -4.89 -3.27 -5.40
C THR E 59 -5.81 -3.48 -6.59
N PHE E 60 -6.90 -4.22 -6.39
CA PHE E 60 -7.85 -4.45 -7.45
C PHE E 60 -8.57 -3.19 -7.89
N VAL E 61 -8.62 -2.18 -7.03
CA VAL E 61 -9.17 -0.91 -7.43
C VAL E 61 -8.16 -0.23 -8.34
N CYS E 62 -6.88 -0.41 -8.02
CA CYS E 62 -5.83 0.05 -8.90
C CYS E 62 -5.90 -0.67 -10.23
N GLN E 63 -6.03 -1.99 -10.19
CA GLN E 63 -6.13 -2.79 -11.40
C GLN E 63 -7.26 -2.27 -12.28
N ARG E 64 -8.43 -2.06 -11.68
CA ARG E 64 -9.58 -1.55 -12.41
C ARG E 64 -9.32 -0.20 -13.12
N VAL E 65 -8.78 0.75 -12.38
CA VAL E 65 -8.55 2.08 -12.94
C VAL E 65 -7.51 2.05 -14.04
N ALA E 66 -6.51 1.19 -13.89
CA ALA E 66 -5.40 1.14 -14.83
C ALA E 66 -5.78 0.41 -16.11
N VAL E 67 -6.45 -0.73 -15.95
CA VAL E 67 -6.81 -1.62 -17.07
C VAL E 67 -8.10 -1.25 -17.81
N ASP E 68 -9.16 -0.98 -17.07
CA ASP E 68 -10.50 -0.82 -17.67
C ASP E 68 -10.78 0.57 -18.25
N PHE E 69 -9.89 1.53 -18.04
CA PHE E 69 -10.21 2.91 -18.37
C PHE E 69 -9.23 3.64 -19.27
N GLU E 70 -9.70 3.97 -20.47
CA GLU E 70 -9.05 4.92 -21.38
C GLU E 70 -9.84 6.22 -21.36
N SER E 71 -9.21 7.31 -21.77
CA SER E 71 -9.84 8.62 -21.66
C SER E 71 -11.01 8.79 -22.63
N CYS E 72 -10.78 8.54 -23.90
CA CYS E 72 -11.82 8.77 -24.91
C CYS E 72 -12.32 10.22 -24.95
N THR E 73 -11.57 11.08 -25.64
CA THR E 73 -11.95 12.46 -25.89
C THR E 73 -11.70 12.77 -27.36
N PRO E 74 -12.70 12.48 -28.20
CA PRO E 74 -12.54 12.55 -29.65
C PRO E 74 -12.49 13.97 -30.22
N ASP E 75 -12.77 14.98 -29.40
CA ASP E 75 -12.62 16.37 -29.83
C ASP E 75 -11.22 16.90 -29.53
N THR E 76 -10.57 16.30 -28.54
CA THR E 76 -9.23 16.71 -28.15
C THR E 76 -8.29 15.52 -28.20
N PRO E 77 -7.86 15.15 -29.42
CA PRO E 77 -7.00 13.98 -29.62
C PRO E 77 -5.76 13.99 -28.73
N GLU E 78 -5.31 15.17 -28.31
CA GLU E 78 -4.13 15.28 -27.44
C GLU E 78 -4.42 14.71 -26.05
N MET E 79 -5.68 14.77 -25.63
CA MET E 79 -6.10 14.21 -24.34
C MET E 79 -6.82 12.86 -24.50
N HIS E 80 -6.81 12.33 -25.73
CA HIS E 80 -7.54 11.11 -26.06
C HIS E 80 -6.79 9.83 -25.68
N GLN E 81 -7.54 8.74 -25.52
CA GLN E 81 -6.98 7.43 -25.14
C GLN E 81 -5.86 7.52 -24.12
N GLN E 82 -6.07 8.36 -23.10
CA GLN E 82 -5.13 8.52 -22.00
C GLN E 82 -5.39 7.56 -20.85
N LYS E 83 -4.39 7.38 -20.00
CA LYS E 83 -4.47 6.42 -18.91
C LYS E 83 -4.33 7.06 -17.54
N GLN E 84 -4.65 6.28 -16.51
CA GLN E 84 -4.61 6.75 -15.13
C GLN E 84 -4.23 5.61 -14.18
N ILE E 85 -3.49 5.94 -13.13
CA ILE E 85 -3.16 4.96 -12.10
C ILE E 85 -3.14 5.59 -10.72
N PRO E 86 -3.96 5.05 -9.81
CA PRO E 86 -4.08 5.48 -8.41
C PRO E 86 -2.76 5.39 -7.66
N CYS E 87 -2.79 5.82 -6.41
CA CYS E 87 -1.57 5.94 -5.62
C CYS E 87 -1.90 5.76 -4.15
N ILE E 88 -1.58 4.58 -3.63
CA ILE E 88 -2.01 4.17 -2.30
C ILE E 88 -0.92 4.24 -1.24
N THR E 89 -0.51 5.42 -0.81
CA THR E 89 0.50 5.45 0.22
C THR E 89 -0.02 4.97 1.58
N THR E 90 0.50 3.83 2.05
CA THR E 90 0.00 3.21 3.29
C THR E 90 1.03 3.10 4.40
N MET E 91 0.56 3.24 5.64
CA MET E 91 1.38 2.93 6.81
C MET E 91 0.57 2.25 7.90
N LEU E 92 -0.36 1.39 7.50
CA LEU E 92 -1.06 0.53 8.44
C LEU E 92 -0.07 -0.47 9.02
N THR E 93 -0.38 -1.03 10.18
CA THR E 93 0.54 -1.95 10.85
C THR E 93 -0.09 -3.30 11.13
N ARG E 94 -1.24 -3.54 10.50
CA ARG E 94 -1.93 -4.81 10.60
C ARG E 94 -3.02 -4.90 9.54
N ILE E 95 -3.64 -6.08 9.42
CA ILE E 95 -4.60 -6.31 8.35
C ILE E 95 -5.97 -5.76 8.68
N LEU E 96 -6.43 -4.84 7.84
CA LEU E 96 -7.77 -4.29 7.93
C LEU E 96 -8.72 -5.18 7.17
N ARG E 97 -9.83 -5.53 7.80
CA ARG E 97 -10.87 -6.30 7.15
C ARG E 97 -12.18 -5.79 7.70
N PHE E 98 -13.21 -5.71 6.87
CA PHE E 98 -14.50 -5.22 7.34
C PHE E 98 -15.39 -6.30 7.97
N SER E 99 -14.84 -7.00 8.95
CA SER E 99 -15.48 -8.16 9.54
C SER E 99 -16.83 -7.82 10.15
N ASP E 100 -17.69 -8.83 10.27
CA ASP E 100 -18.97 -8.70 10.94
C ASP E 100 -18.90 -9.30 12.34
N LYS E 101 -19.95 -10.00 12.73
CA LYS E 101 -19.99 -10.67 14.02
C LYS E 101 -20.82 -11.95 13.90
N GLN E 102 -20.17 -13.10 14.06
CA GLN E 102 -20.86 -14.38 13.91
C GLN E 102 -20.30 -15.41 14.89
N LEU E 103 -21.06 -16.45 15.21
CA LEU E 103 -20.62 -17.46 16.17
C LEU E 103 -21.37 -18.82 16.16
N ALA E 104 -22.63 -18.81 16.61
CA ALA E 104 -23.47 -20.02 16.80
C ALA E 104 -23.08 -20.87 18.01
N PRO E 105 -23.85 -20.77 19.10
CA PRO E 105 -23.55 -21.22 20.48
C PRO E 105 -23.70 -22.70 20.81
N ALA E 106 -24.87 -23.10 21.27
CA ALA E 106 -25.13 -24.47 21.73
C ALA E 106 -26.58 -24.64 22.20
N GLY E 107 -26.90 -25.81 22.74
CA GLY E 107 -28.27 -26.13 23.13
C GLY E 107 -28.96 -25.08 23.96
N TYR F 7 -5.85 -3.47 -25.41
CA TYR F 7 -5.98 -2.55 -24.28
C TYR F 7 -4.64 -1.95 -23.92
N LYS F 8 -4.70 -0.88 -23.14
CA LYS F 8 -3.51 -0.11 -22.77
C LYS F 8 -3.47 0.05 -21.25
N ILE F 9 -2.31 0.39 -20.70
CA ILE F 9 -2.14 0.50 -19.24
C ILE F 9 -1.17 1.62 -18.88
N PRO F 10 -1.38 2.25 -17.72
CA PRO F 10 -0.55 3.40 -17.32
C PRO F 10 0.92 3.01 -17.32
N VAL F 11 1.77 3.92 -17.81
CA VAL F 11 3.20 3.70 -17.83
C VAL F 11 3.75 3.72 -16.40
N HIS F 12 2.99 4.36 -15.51
CA HIS F 12 3.39 4.54 -14.11
C HIS F 12 2.75 3.53 -13.15
N ALA F 13 2.29 2.41 -13.68
CA ALA F 13 1.69 1.37 -12.85
C ALA F 13 2.70 0.28 -12.52
N ASP F 14 2.41 -0.49 -11.47
CA ASP F 14 3.23 -1.63 -11.04
C ASP F 14 4.54 -1.20 -10.37
N PHE F 15 4.57 0.04 -9.87
CA PHE F 15 5.70 0.50 -9.09
C PHE F 15 5.40 0.40 -7.62
N LEU F 16 6.46 0.20 -6.83
CA LEU F 16 6.33 0.16 -5.38
C LEU F 16 7.53 0.82 -4.71
N ILE F 17 7.26 1.88 -3.97
CA ILE F 17 8.32 2.55 -3.23
C ILE F 17 8.08 2.40 -1.75
N ALA F 18 8.87 1.55 -1.12
CA ALA F 18 8.71 1.29 0.29
C ALA F 18 9.88 1.88 1.04
N TYR F 19 9.88 3.19 1.27
CA TYR F 19 11.03 3.78 1.94
C TYR F 19 10.86 4.05 3.44
N SER F 20 12.00 4.17 4.11
CA SER F 20 12.15 3.99 5.55
C SER F 20 11.08 4.63 6.46
N THR F 21 10.83 5.93 6.29
CA THR F 21 9.89 6.63 7.17
C THR F 21 9.06 7.69 6.47
N VAL F 22 7.92 8.02 7.07
CA VAL F 22 7.03 9.06 6.58
C VAL F 22 7.85 10.31 6.26
N PRO F 23 7.54 10.96 5.13
CA PRO F 23 8.22 12.17 4.65
C PRO F 23 8.38 13.26 5.72
N GLY F 24 9.59 13.81 5.83
CA GLY F 24 9.88 14.85 6.79
C GLY F 24 10.20 14.31 8.17
N PHE F 25 10.67 13.08 8.24
CA PHE F 25 11.03 12.47 9.53
C PHE F 25 12.36 11.74 9.48
N TYR F 26 12.94 11.51 10.64
CA TYR F 26 14.22 10.83 10.71
C TYR F 26 14.11 9.34 10.40
N SER F 27 15.25 8.73 10.09
CA SER F 27 15.32 7.28 9.96
C SER F 27 16.34 6.74 10.95
N TRP F 28 15.86 6.01 11.94
CA TRP F 28 16.73 5.46 12.97
C TRP F 28 17.51 4.21 12.55
N ARG F 29 18.67 4.05 13.15
CA ARG F 29 19.67 3.13 12.65
C ARG F 29 20.62 2.78 13.77
N ASN F 30 20.69 1.49 14.10
CA ASN F 30 21.62 1.01 15.12
C ASN F 30 22.99 0.78 14.50
N THR F 31 24.02 1.36 15.12
CA THR F 31 25.37 1.31 14.55
C THR F 31 25.89 -0.11 14.37
N THR F 32 25.39 -1.01 15.21
CA THR F 32 25.91 -2.38 15.23
C THR F 32 24.86 -3.44 14.93
N ARG F 33 23.81 -3.06 14.22
CA ARG F 33 22.76 -3.99 13.81
C ARG F 33 22.03 -3.51 12.56
N GLY F 34 22.36 -2.30 12.10
CA GLY F 34 21.71 -1.72 10.95
C GLY F 34 20.44 -0.96 11.29
N SER F 35 19.79 -0.43 10.26
CA SER F 35 18.61 0.40 10.44
C SER F 35 17.37 -0.37 10.94
N TRP F 36 16.52 0.33 11.70
CA TRP F 36 15.25 -0.25 12.11
C TRP F 36 14.58 -0.93 10.92
N PHE F 37 14.59 -0.23 9.79
CA PHE F 37 13.87 -0.65 8.61
C PHE F 37 14.43 -1.93 7.98
N MET F 38 15.73 -1.92 7.69
CA MET F 38 16.37 -3.06 7.06
C MET F 38 16.29 -4.28 7.94
N GLN F 39 16.44 -4.08 9.25
CA GLN F 39 16.32 -5.19 10.18
C GLN F 39 14.96 -5.85 10.04
N SER F 40 13.90 -5.05 10.14
CA SER F 40 12.55 -5.55 10.04
C SER F 40 12.25 -6.10 8.66
N LEU F 41 12.75 -5.43 7.63
CA LEU F 41 12.56 -5.88 6.27
C LEU F 41 13.08 -7.30 6.13
N CYS F 42 14.39 -7.46 6.25
CA CYS F 42 15.01 -8.79 6.15
C CYS F 42 14.30 -9.80 7.03
N ALA F 43 14.04 -9.42 8.28
CA ALA F 43 13.40 -10.33 9.21
C ALA F 43 12.16 -10.94 8.59
N GLU F 44 11.33 -10.10 7.96
CA GLU F 44 10.08 -10.57 7.36
C GLU F 44 10.30 -11.34 6.07
N LEU F 45 11.19 -10.85 5.23
CA LEU F 45 11.43 -11.51 3.94
C LEU F 45 11.86 -12.95 4.18
N ALA F 46 12.92 -13.13 4.97
CA ALA F 46 13.36 -14.45 5.37
C ALA F 46 12.52 -14.90 6.55
N ALA F 47 11.24 -15.17 6.29
CA ALA F 47 10.34 -15.63 7.34
C ALA F 47 8.96 -15.80 6.74
N ASN F 48 8.69 -15.04 5.69
CA ASN F 48 7.37 -15.02 5.09
C ASN F 48 7.45 -14.79 3.60
N GLY F 49 8.54 -14.16 3.15
CA GLY F 49 8.66 -13.77 1.75
C GLY F 49 8.16 -14.79 0.73
N LYS F 50 8.32 -16.06 1.05
CA LYS F 50 7.84 -17.14 0.21
C LYS F 50 6.33 -17.34 0.38
N ARG F 51 5.91 -17.39 1.65
CA ARG F 51 4.52 -17.63 2.03
C ARG F 51 3.56 -16.49 1.73
N LEU F 52 4.05 -15.26 1.81
CA LEU F 52 3.16 -14.11 1.93
C LEU F 52 3.04 -13.16 0.74
N ASP F 53 1.85 -12.57 0.62
CA ASP F 53 1.60 -11.45 -0.26
C ASP F 53 2.57 -10.30 0.06
N ILE F 54 3.02 -9.59 -0.97
CA ILE F 54 3.96 -8.49 -0.76
C ILE F 54 3.40 -7.37 0.11
N LEU F 55 2.13 -7.04 -0.06
CA LEU F 55 1.58 -5.91 0.68
C LEU F 55 1.43 -6.22 2.16
N THR F 56 0.84 -7.37 2.47
CA THR F 56 0.67 -7.75 3.86
C THR F 56 2.04 -8.01 4.47
N LEU F 57 2.95 -8.54 3.65
CA LEU F 57 4.31 -8.73 4.09
C LEU F 57 4.85 -7.42 4.66
N LEU F 58 4.87 -6.39 3.81
CA LEU F 58 5.35 -5.07 4.23
C LEU F 58 4.57 -4.50 5.39
N THR F 59 3.30 -4.85 5.50
CA THR F 59 2.52 -4.37 6.62
C THR F 59 3.22 -4.82 7.90
N PHE F 60 3.55 -6.09 7.97
CA PHE F 60 4.22 -6.63 9.14
C PHE F 60 5.62 -6.06 9.35
N VAL F 61 6.23 -5.56 8.27
CA VAL F 61 7.51 -4.87 8.40
C VAL F 61 7.24 -3.51 9.03
N CYS F 62 6.11 -2.91 8.65
CA CYS F 62 5.66 -1.68 9.30
C CYS F 62 5.37 -1.95 10.77
N GLN F 63 4.63 -3.02 11.05
CA GLN F 63 4.32 -3.39 12.41
C GLN F 63 5.59 -3.53 13.24
N ARG F 64 6.57 -4.25 12.71
CA ARG F 64 7.84 -4.44 13.40
C ARG F 64 8.54 -3.11 13.73
N VAL F 65 8.68 -2.24 12.75
CA VAL F 65 9.38 -0.98 12.95
C VAL F 65 8.66 -0.10 13.96
N ALA F 66 7.32 -0.13 13.90
CA ALA F 66 6.52 0.76 14.74
C ALA F 66 6.45 0.27 16.18
N VAL F 67 6.27 -1.04 16.35
CA VAL F 67 6.08 -1.62 17.69
C VAL F 67 7.36 -2.00 18.43
N ASP F 68 8.29 -2.66 17.74
CA ASP F 68 9.45 -3.23 18.41
C ASP F 68 10.60 -2.26 18.67
N PHE F 69 10.50 -1.03 18.18
CA PHE F 69 11.66 -0.14 18.17
C PHE F 69 11.46 1.25 18.78
N GLU F 70 12.14 1.48 19.90
CA GLU F 70 12.31 2.80 20.51
C GLU F 70 13.73 3.24 20.25
N SER F 71 13.99 4.53 20.35
CA SER F 71 15.29 5.07 19.99
C SER F 71 16.39 4.69 20.98
N CYS F 72 16.16 4.95 22.26
CA CYS F 72 17.18 4.68 23.26
C CYS F 72 18.49 5.44 23.01
N THR F 73 18.51 6.72 23.40
CA THR F 73 19.70 7.56 23.33
C THR F 73 19.84 8.29 24.66
N PRO F 74 20.52 7.65 25.63
CA PRO F 74 20.56 8.13 27.01
C PRO F 74 21.48 9.34 27.20
N ASP F 75 22.24 9.71 26.18
CA ASP F 75 23.05 10.93 26.27
C ASP F 75 22.28 12.13 25.75
N THR F 76 21.31 11.88 24.87
CA THR F 76 20.52 12.93 24.29
C THR F 76 19.04 12.67 24.56
N PRO F 77 18.59 12.97 25.78
CA PRO F 77 17.20 12.71 26.18
C PRO F 77 16.18 13.29 25.20
N GLU F 78 16.54 14.36 24.49
CA GLU F 78 15.63 14.96 23.53
C GLU F 78 15.36 14.03 22.34
N MET F 79 16.32 13.16 22.04
CA MET F 79 16.17 12.20 20.95
C MET F 79 15.92 10.80 21.50
N HIS F 80 15.67 10.70 22.79
CA HIS F 80 15.47 9.42 23.46
C HIS F 80 14.04 8.85 23.32
N GLN F 81 13.92 7.54 23.48
CA GLN F 81 12.63 6.85 23.39
C GLN F 81 11.74 7.38 22.28
N GLN F 82 12.35 7.63 21.12
CA GLN F 82 11.63 8.09 19.94
C GLN F 82 11.11 6.93 19.08
N LYS F 83 10.17 7.24 18.19
CA LYS F 83 9.52 6.22 17.38
C LYS F 83 9.70 6.45 15.88
N GLN F 84 9.37 5.43 15.10
CA GLN F 84 9.51 5.48 13.65
C GLN F 84 8.42 4.65 12.96
N ILE F 85 7.95 5.14 11.82
CA ILE F 85 6.99 4.38 11.03
C ILE F 85 7.26 4.52 9.52
N PRO F 86 7.46 3.39 8.84
CA PRO F 86 7.73 3.31 7.40
C PRO F 86 6.60 3.89 6.59
N CYS F 87 6.78 3.91 5.27
CA CYS F 87 5.84 4.56 4.38
C CYS F 87 5.85 3.88 3.03
N ILE F 88 4.81 3.09 2.77
CA ILE F 88 4.76 2.20 1.62
C ILE F 88 3.87 2.70 0.50
N THR F 89 4.26 3.74 -0.22
CA THR F 89 3.41 4.16 -1.32
C THR F 89 3.39 3.14 -2.47
N THR F 90 2.24 2.51 -2.70
CA THR F 90 2.12 1.45 -3.72
C THR F 90 1.18 1.78 -4.87
N MET F 91 1.51 1.28 -6.06
CA MET F 91 0.58 1.30 -7.18
C MET F 91 0.68 0.02 -8.02
N LEU F 92 0.86 -1.11 -7.34
CA LEU F 92 0.78 -2.40 -7.99
C LEU F 92 -0.67 -2.66 -8.38
N THR F 93 -0.88 -3.52 -9.37
CA THR F 93 -2.22 -3.77 -9.89
C THR F 93 -2.61 -5.24 -9.78
N ARG F 94 -1.81 -5.99 -9.04
CA ARG F 94 -2.09 -7.40 -8.77
C ARG F 94 -1.23 -7.91 -7.63
N ILE F 95 -1.50 -9.13 -7.18
CA ILE F 95 -0.81 -9.66 -6.01
C ILE F 95 0.57 -10.19 -6.33
N LEU F 96 1.58 -9.61 -5.68
CA LEU F 96 2.94 -10.07 -5.80
C LEU F 96 3.19 -11.16 -4.77
N ARG F 97 3.77 -12.27 -5.20
CA ARG F 97 4.11 -13.35 -4.31
C ARG F 97 5.40 -13.92 -4.84
N PHE F 98 6.30 -14.35 -3.97
CA PHE F 98 7.57 -14.90 -4.43
C PHE F 98 7.52 -16.40 -4.71
N SER F 99 6.54 -16.80 -5.52
CA SER F 99 6.27 -18.21 -5.77
C SER F 99 7.48 -18.96 -6.34
N ASP F 100 7.48 -20.28 -6.14
CA ASP F 100 8.50 -21.14 -6.73
C ASP F 100 7.93 -21.87 -7.94
N LYS F 101 8.26 -23.14 -8.06
CA LYS F 101 7.76 -23.96 -9.15
C LYS F 101 7.59 -25.41 -8.67
N GLN F 102 6.34 -25.87 -8.60
CA GLN F 102 6.07 -27.20 -8.10
C GLN F 102 4.92 -27.84 -8.86
N LEU F 103 4.83 -29.17 -8.87
CA LEU F 103 3.75 -29.86 -9.61
C LEU F 103 3.48 -31.33 -9.21
N ALA F 104 4.41 -32.23 -9.54
CA ALA F 104 4.28 -33.71 -9.36
C ALA F 104 3.33 -34.37 -10.35
N PRO F 105 3.90 -35.04 -11.38
CA PRO F 105 3.26 -35.51 -12.63
C PRO F 105 2.39 -36.78 -12.58
N ALA F 106 3.01 -37.93 -12.85
CA ALA F 106 2.29 -39.20 -12.93
C ALA F 106 3.25 -40.35 -13.26
ZN ZN G . 15.64 -7.73 28.31
ZN ZN H . -18.78 -2.65 -26.77
#